data_4BNU
#
_entry.id   4BNU
#
_cell.length_a   55.300
_cell.length_b   108.560
_cell.length_c   148.800
_cell.angle_alpha   90.00
_cell.angle_beta   90.00
_cell.angle_gamma   90.00
#
_symmetry.space_group_name_H-M   'P 21 21 21'
#
loop_
_entity.id
_entity.type
_entity.pdbx_description
1 polymer '3-OXOACYL-[ACYL-CARRIER-PROTEIN] REDUCTASE FABG'
2 non-polymer 2-phenyl-4-(1,2,4-triazol-4-yl)quinazoline
3 water water
#
_entity_poly.entity_id   1
_entity_poly.type   'polypeptide(L)'
_entity_poly.pdbx_seq_one_letter_code
;MHHHHHHSSGVDLGTENLYFQSMSLQGKVALVTGASRGIGQAIALELGRLGAVVIGTATSASGAEKIAETLKANGVEGAG
LVLDVSSDESVAATLEHIQQHLGQPLIVVNNAGITRDNLLVRMKDDEWFDVVNTNLNSLYRLSKAVLRGMTKARWGRIIN
IGSVVGAMGNAGQTNYAAAKAGLEGFTRALAREVGSRAITVNAVAPGFIDTDMTRELPEAQREALLGQIPLGRLGQAEEI
AKVVGFLASDGAAYVTGATVPVNGGMYMS
;
_entity_poly.pdbx_strand_id   A,B,C,D
#
loop_
_chem_comp.id
_chem_comp.type
_chem_comp.name
_chem_comp.formula
9KQ non-polymer 2-phenyl-4-(1,2,4-triazol-4-yl)quinazoline 'C16 H11 N5'
#
# COMPACT_ATOMS: atom_id res chain seq x y z
N GLN A 21 25.32 -2.22 -26.17
CA GLN A 21 26.40 -3.11 -25.65
C GLN A 21 26.19 -3.50 -24.17
N SER A 22 25.94 -2.51 -23.32
CA SER A 22 25.62 -2.72 -21.88
C SER A 22 24.27 -3.42 -21.70
N MET A 23 23.33 -3.04 -22.55
CA MET A 23 21.95 -3.57 -22.51
C MET A 23 21.74 -4.93 -23.27
N SER A 24 22.83 -5.60 -23.62
CA SER A 24 22.78 -6.64 -24.62
C SER A 24 22.26 -7.91 -24.05
N LEU A 25 21.44 -8.58 -24.86
CA LEU A 25 20.89 -9.90 -24.55
C LEU A 25 21.41 -10.97 -25.50
N GLN A 26 22.49 -10.64 -26.20
CA GLN A 26 23.15 -11.58 -27.11
C GLN A 26 23.42 -12.88 -26.39
N GLY A 27 23.17 -13.97 -27.06
CA GLY A 27 23.31 -15.29 -26.46
C GLY A 27 22.12 -15.79 -25.66
N LYS A 28 21.12 -14.94 -25.38
CA LYS A 28 19.93 -15.40 -24.66
C LYS A 28 18.78 -15.83 -25.54
N VAL A 29 18.04 -16.85 -25.11
CA VAL A 29 16.76 -17.21 -25.70
C VAL A 29 15.60 -16.64 -24.85
N ALA A 30 14.66 -15.98 -25.51
CA ALA A 30 13.54 -15.34 -24.85
C ALA A 30 12.22 -15.90 -25.39
N LEU A 31 11.28 -16.18 -24.51
CA LEU A 31 9.96 -16.67 -24.86
C LEU A 31 8.98 -15.58 -24.49
N VAL A 32 8.28 -15.05 -25.47
CA VAL A 32 7.28 -14.02 -25.27
C VAL A 32 5.92 -14.53 -25.69
N THR A 33 5.02 -14.70 -24.74
CA THR A 33 3.72 -15.21 -25.05
C THR A 33 2.84 -14.10 -25.57
N GLY A 34 1.89 -14.44 -26.44
CA GLY A 34 0.95 -13.45 -27.01
C GLY A 34 1.64 -12.40 -27.85
N ALA A 35 2.59 -12.85 -28.69
CA ALA A 35 3.47 -11.93 -29.42
C ALA A 35 2.96 -11.48 -30.80
N SER A 36 1.71 -11.78 -31.20
CA SER A 36 1.29 -11.51 -32.58
C SER A 36 0.82 -10.05 -32.78
N ARG A 37 0.63 -9.29 -31.72
CA ARG A 37 0.20 -7.89 -31.84
C ARG A 37 0.46 -7.07 -30.56
N GLY A 38 0.25 -5.77 -30.68
CA GLY A 38 0.25 -4.87 -29.55
C GLY A 38 1.49 -4.95 -28.69
N ILE A 39 1.30 -5.05 -27.37
CA ILE A 39 2.35 -5.00 -26.40
C ILE A 39 3.28 -6.23 -26.55
N GLY A 40 2.69 -7.40 -26.71
CA GLY A 40 3.48 -8.66 -26.91
C GLY A 40 4.42 -8.57 -28.10
N GLN A 41 3.92 -8.10 -29.21
CA GLN A 41 4.75 -7.93 -30.37
C GLN A 41 5.83 -6.89 -30.12
N ALA A 42 5.49 -5.73 -29.54
CA ALA A 42 6.53 -4.73 -29.23
C ALA A 42 7.60 -5.33 -28.29
N ILE A 43 7.16 -6.12 -27.33
CA ILE A 43 8.14 -6.73 -26.43
C ILE A 43 9.09 -7.65 -27.23
N ALA A 44 8.53 -8.43 -28.14
CA ALA A 44 9.30 -9.37 -28.94
C ALA A 44 10.35 -8.63 -29.80
N LEU A 45 9.97 -7.50 -30.39
CA LEU A 45 10.85 -6.72 -31.17
C LEU A 45 11.93 -6.01 -30.37
N GLU A 46 11.60 -5.60 -29.15
CA GLU A 46 12.59 -4.94 -28.32
C GLU A 46 13.60 -5.96 -27.81
N LEU A 47 13.19 -7.15 -27.38
CA LEU A 47 14.18 -8.13 -26.97
C LEU A 47 15.03 -8.58 -28.14
N GLY A 48 14.43 -8.67 -29.31
CA GLY A 48 15.21 -8.92 -30.52
C GLY A 48 16.22 -7.79 -30.79
N ARG A 49 15.78 -6.55 -30.69
CA ARG A 49 16.65 -5.43 -30.92
C ARG A 49 17.86 -5.55 -30.01
N LEU A 50 17.66 -6.03 -28.80
CA LEU A 50 18.75 -6.10 -27.83
C LEU A 50 19.63 -7.37 -28.05
N GLY A 51 19.29 -8.19 -29.03
CA GLY A 51 20.12 -9.35 -29.37
C GLY A 51 19.58 -10.73 -29.01
N ALA A 52 18.42 -10.80 -28.37
CA ALA A 52 17.91 -12.12 -27.94
C ALA A 52 17.47 -12.90 -29.15
N VAL A 53 17.59 -14.23 -29.10
CA VAL A 53 16.82 -15.08 -29.97
C VAL A 53 15.37 -15.18 -29.42
N VAL A 54 14.37 -14.77 -30.21
CA VAL A 54 13.04 -14.65 -29.69
C VAL A 54 12.06 -15.69 -30.19
N ILE A 55 11.39 -16.37 -29.27
CA ILE A 55 10.25 -17.24 -29.59
C ILE A 55 8.94 -16.59 -29.12
N GLY A 56 8.13 -16.17 -30.07
CA GLY A 56 6.89 -15.48 -29.77
C GLY A 56 5.80 -16.47 -29.99
N THR A 57 4.75 -16.45 -29.17
CA THR A 57 3.66 -17.42 -29.26
C THR A 57 2.30 -16.79 -29.45
N ALA A 58 1.42 -17.55 -30.08
CA ALA A 58 0.07 -17.19 -30.35
C ALA A 58 -0.74 -18.46 -30.11
N THR A 59 -2.05 -18.30 -30.04
CA THR A 59 -2.92 -19.46 -29.84
C THR A 59 -3.32 -20.12 -31.15
N SER A 60 -2.99 -19.53 -32.30
CA SER A 60 -3.31 -20.14 -33.60
C SER A 60 -2.05 -20.30 -34.46
N ALA A 61 -2.06 -21.26 -35.38
CA ALA A 61 -1.02 -21.46 -36.35
C ALA A 61 -0.86 -20.22 -37.22
N SER A 62 -1.95 -19.56 -37.58
CA SER A 62 -1.78 -18.34 -38.42
C SER A 62 -1.06 -17.22 -37.64
N GLY A 63 -1.39 -17.05 -36.34
CA GLY A 63 -0.68 -16.09 -35.46
C GLY A 63 0.81 -16.41 -35.36
N ALA A 64 1.13 -17.70 -35.19
CA ALA A 64 2.53 -18.14 -35.12
C ALA A 64 3.30 -17.79 -36.39
N GLU A 65 2.68 -18.04 -37.53
CA GLU A 65 3.27 -17.65 -38.78
C GLU A 65 3.44 -16.15 -38.96
N LYS A 66 2.44 -15.38 -38.62
CA LYS A 66 2.61 -13.94 -38.57
C LYS A 66 3.77 -13.46 -37.71
N ILE A 67 3.93 -14.08 -36.54
CA ILE A 67 5.06 -13.74 -35.65
C ILE A 67 6.37 -14.00 -36.37
N ALA A 68 6.50 -15.16 -37.00
CA ALA A 68 7.76 -15.49 -37.72
C ALA A 68 8.05 -14.46 -38.84
N GLU A 69 7.03 -14.05 -39.58
CA GLU A 69 7.19 -12.96 -40.57
C GLU A 69 7.56 -11.62 -39.98
N THR A 70 6.89 -11.21 -38.91
CA THR A 70 7.27 -10.00 -38.18
C THR A 70 8.76 -10.07 -37.75
N LEU A 71 9.17 -11.17 -37.14
CA LEU A 71 10.51 -11.30 -36.70
C LEU A 71 11.47 -11.14 -37.87
N LYS A 72 11.19 -11.84 -38.95
CA LYS A 72 12.06 -11.81 -40.11
C LYS A 72 12.19 -10.39 -40.67
N ALA A 73 11.06 -9.70 -40.78
CA ALA A 73 11.00 -8.34 -41.29
C ALA A 73 11.74 -7.30 -40.43
N ASN A 74 12.06 -7.64 -39.18
CA ASN A 74 12.83 -6.78 -38.33
C ASN A 74 14.19 -7.36 -38.00
N GLY A 75 14.55 -8.44 -38.68
CA GLY A 75 15.91 -8.97 -38.59
C GLY A 75 16.18 -9.63 -37.26
N VAL A 76 15.15 -10.21 -36.67
CA VAL A 76 15.28 -10.87 -35.38
C VAL A 76 15.25 -12.36 -35.59
N GLU A 77 16.23 -13.06 -35.02
CA GLU A 77 16.29 -14.48 -35.07
C GLU A 77 15.30 -15.08 -34.09
N GLY A 78 14.63 -16.13 -34.50
CA GLY A 78 13.77 -16.87 -33.63
C GLY A 78 12.62 -17.43 -34.42
N ALA A 79 11.48 -17.55 -33.79
CA ALA A 79 10.40 -18.34 -34.34
C ALA A 79 9.07 -17.94 -33.72
N GLY A 80 7.99 -18.27 -34.41
CA GLY A 80 6.65 -18.21 -33.87
C GLY A 80 6.18 -19.61 -33.58
N LEU A 81 5.47 -19.81 -32.48
CA LEU A 81 4.82 -21.07 -32.26
C LEU A 81 3.49 -20.95 -31.61
N VAL A 82 2.78 -22.06 -31.56
CA VAL A 82 1.44 -22.13 -30.97
C VAL A 82 1.54 -22.58 -29.53
N LEU A 83 0.93 -21.80 -28.65
CA LEU A 83 0.96 -22.10 -27.23
C LEU A 83 -0.37 -21.69 -26.58
N ASP A 84 -0.89 -22.63 -25.80
CA ASP A 84 -2.07 -22.38 -24.98
C ASP A 84 -1.63 -22.50 -23.51
N VAL A 85 -1.50 -21.34 -22.84
CA VAL A 85 -0.95 -21.28 -21.48
C VAL A 85 -1.91 -21.87 -20.44
N SER A 86 -3.17 -22.07 -20.84
CA SER A 86 -4.17 -22.76 -19.99
C SER A 86 -4.00 -24.28 -19.99
N SER A 87 -3.13 -24.83 -20.82
CA SER A 87 -2.99 -26.28 -20.94
C SER A 87 -1.62 -26.78 -20.52
N ASP A 88 -1.56 -27.72 -19.57
CA ASP A 88 -0.26 -28.35 -19.20
C ASP A 88 0.42 -29.04 -20.37
N GLU A 89 -0.37 -29.66 -21.21
CA GLU A 89 0.19 -30.40 -22.34
C GLU A 89 0.80 -29.42 -23.34
N SER A 90 0.08 -28.34 -23.66
CA SER A 90 0.60 -27.37 -24.63
C SER A 90 1.91 -26.77 -24.08
N VAL A 91 1.93 -26.45 -22.80
CA VAL A 91 3.12 -25.92 -22.16
C VAL A 91 4.32 -26.90 -22.17
N ALA A 92 4.12 -28.13 -21.76
CA ALA A 92 5.25 -29.12 -21.81
C ALA A 92 5.74 -29.37 -23.26
N ALA A 93 4.79 -29.55 -24.18
CA ALA A 93 5.16 -29.81 -25.58
C ALA A 93 5.93 -28.61 -26.17
N THR A 94 5.45 -27.40 -25.90
CA THR A 94 6.10 -26.24 -26.45
C THR A 94 7.53 -26.07 -25.92
N LEU A 95 7.73 -26.26 -24.62
CA LEU A 95 9.10 -26.14 -24.06
C LEU A 95 10.04 -27.24 -24.61
N GLU A 96 9.51 -28.43 -24.82
CA GLU A 96 10.31 -29.56 -25.33
C GLU A 96 10.79 -29.25 -26.74
N HIS A 97 9.86 -28.78 -27.59
CA HIS A 97 10.19 -28.27 -28.94
C HIS A 97 11.29 -27.19 -28.93
N ILE A 98 11.14 -26.20 -28.04
CA ILE A 98 12.13 -25.13 -27.97
C ILE A 98 13.50 -25.66 -27.55
N GLN A 99 13.52 -26.54 -26.56
CA GLN A 99 14.79 -27.09 -26.06
C GLN A 99 15.46 -27.91 -27.17
N GLN A 100 14.65 -28.63 -27.93
CA GLN A 100 15.14 -29.48 -29.01
C GLN A 100 15.76 -28.69 -30.14
N HIS A 101 15.23 -27.52 -30.49
CA HIS A 101 15.72 -26.78 -31.67
C HIS A 101 16.67 -25.65 -31.33
N LEU A 102 16.65 -25.24 -30.08
CA LEU A 102 17.35 -24.03 -29.69
C LEU A 102 18.05 -24.21 -28.39
N GLY A 103 17.27 -24.54 -27.38
CA GLY A 103 17.74 -24.51 -26.02
C GLY A 103 16.78 -23.78 -25.12
N GLN A 104 17.23 -23.64 -23.89
CA GLN A 104 16.36 -23.29 -22.79
C GLN A 104 16.08 -21.78 -22.75
N PRO A 105 14.81 -21.40 -22.79
CA PRO A 105 14.51 -19.95 -22.61
C PRO A 105 14.85 -19.48 -21.18
N LEU A 106 15.77 -18.54 -21.07
CA LEU A 106 16.11 -17.95 -19.76
C LEU A 106 15.47 -16.57 -19.51
N ILE A 107 14.83 -16.00 -20.53
CA ILE A 107 13.98 -14.84 -20.39
C ILE A 107 12.56 -15.19 -20.83
N VAL A 108 11.59 -15.07 -19.93
CA VAL A 108 10.23 -15.47 -20.24
C VAL A 108 9.35 -14.33 -19.87
N VAL A 109 8.63 -13.83 -20.86
CA VAL A 109 7.69 -12.77 -20.69
C VAL A 109 6.27 -13.29 -20.83
N ASN A 110 5.47 -13.18 -19.78
CA ASN A 110 4.05 -13.64 -19.78
C ASN A 110 3.15 -12.50 -20.12
N ASN A 111 2.67 -12.48 -21.34
CA ASN A 111 1.81 -11.42 -21.81
C ASN A 111 0.44 -11.85 -22.31
N ARG A 122 -18.82 -4.80 -22.26
CA ARG A 122 -18.39 -4.72 -20.87
C ARG A 122 -18.17 -6.09 -20.23
N MET A 123 -17.49 -6.08 -19.08
CA MET A 123 -17.27 -7.27 -18.27
C MET A 123 -18.36 -7.31 -17.22
N LYS A 124 -18.41 -8.40 -16.47
CA LYS A 124 -19.34 -8.48 -15.34
C LYS A 124 -18.74 -8.15 -13.96
N ASP A 125 -19.64 -7.66 -13.10
CA ASP A 125 -19.37 -7.31 -11.67
C ASP A 125 -18.88 -8.51 -10.81
N ASP A 126 -19.22 -9.71 -11.24
CA ASP A 126 -19.09 -10.93 -10.43
C ASP A 126 -18.05 -11.94 -10.91
N GLU A 127 -17.48 -11.71 -12.10
CA GLU A 127 -16.58 -12.65 -12.77
C GLU A 127 -15.11 -12.28 -12.58
N TRP A 128 -14.86 -11.26 -11.76
CA TRP A 128 -13.48 -10.91 -11.44
C TRP A 128 -12.77 -12.15 -10.85
N PHE A 129 -13.50 -12.98 -10.11
CA PHE A 129 -12.86 -14.04 -9.38
C PHE A 129 -12.29 -15.09 -10.32
N ASP A 130 -13.11 -15.55 -11.24
CA ASP A 130 -12.65 -16.54 -12.26
C ASP A 130 -11.59 -15.98 -13.20
N VAL A 131 -11.71 -14.72 -13.58
CA VAL A 131 -10.69 -14.09 -14.40
C VAL A 131 -9.32 -14.06 -13.70
N VAL A 132 -9.26 -13.57 -12.46
CA VAL A 132 -7.99 -13.52 -11.80
C VAL A 132 -7.46 -14.92 -11.59
N ASN A 133 -8.31 -15.80 -11.13
CA ASN A 133 -7.88 -17.16 -10.81
C ASN A 133 -7.26 -17.84 -12.03
N THR A 134 -7.91 -17.74 -13.17
CA THR A 134 -7.39 -18.26 -14.43
C THR A 134 -6.05 -17.63 -14.83
N ASN A 135 -5.99 -16.31 -14.81
CA ASN A 135 -4.76 -15.62 -15.19
CA ASN A 135 -4.77 -15.60 -15.17
C ASN A 135 -3.58 -16.05 -14.33
N LEU A 136 -3.79 -16.19 -13.03
CA LEU A 136 -2.68 -16.54 -12.15
C LEU A 136 -2.33 -17.99 -12.27
N ASN A 137 -3.33 -18.85 -12.46
CA ASN A 137 -3.05 -20.26 -12.73
C ASN A 137 -2.19 -20.39 -13.99
N SER A 138 -2.40 -19.54 -15.01
CA SER A 138 -1.59 -19.58 -16.23
C SER A 138 -0.17 -19.06 -16.01
N LEU A 139 -0.04 -17.92 -15.34
CA LEU A 139 1.29 -17.46 -14.98
C LEU A 139 2.06 -18.57 -14.27
N TYR A 140 1.40 -19.20 -13.32
CA TYR A 140 2.07 -20.15 -12.46
C TYR A 140 2.51 -21.33 -13.27
N ARG A 141 1.62 -21.81 -14.13
CA ARG A 141 1.88 -22.99 -14.97
C ARG A 141 3.10 -22.77 -15.85
N LEU A 142 3.14 -21.65 -16.56
CA LEU A 142 4.28 -21.40 -17.42
C LEU A 142 5.55 -21.13 -16.62
N SER A 143 5.43 -20.33 -15.56
CA SER A 143 6.57 -20.02 -14.72
C SER A 143 7.24 -21.27 -14.14
N LYS A 144 6.46 -22.15 -13.57
CA LYS A 144 7.03 -23.37 -13.01
C LYS A 144 7.71 -24.16 -14.08
N ALA A 145 7.12 -24.21 -15.27
CA ALA A 145 7.71 -25.07 -16.33
C ALA A 145 9.08 -24.53 -16.76
N VAL A 146 9.24 -23.22 -16.84
CA VAL A 146 10.49 -22.69 -17.30
C VAL A 146 11.54 -22.59 -16.20
N LEU A 147 11.14 -22.65 -14.96
CA LEU A 147 12.10 -22.55 -13.85
C LEU A 147 13.17 -23.64 -13.79
N ARG A 148 12.84 -24.84 -14.27
CA ARG A 148 13.80 -25.95 -14.24
C ARG A 148 15.03 -25.55 -15.03
N GLY A 149 14.86 -25.03 -16.25
CA GLY A 149 15.98 -24.58 -17.07
C GLY A 149 16.74 -23.44 -16.44
N MET A 150 16.02 -22.49 -15.84
CA MET A 150 16.69 -21.31 -15.25
C MET A 150 17.49 -21.76 -14.03
N THR A 151 16.92 -22.70 -13.28
CA THR A 151 17.60 -23.23 -12.13
C THR A 151 18.90 -23.91 -12.52
N LYS A 152 18.87 -24.68 -13.62
CA LYS A 152 20.09 -25.33 -14.14
C LYS A 152 21.11 -24.29 -14.53
N ALA A 153 20.67 -23.26 -15.26
CA ALA A 153 21.58 -22.20 -15.64
C ALA A 153 22.00 -21.27 -14.49
N ARG A 154 21.37 -21.37 -13.32
CA ARG A 154 21.50 -20.35 -12.23
C ARG A 154 21.38 -18.92 -12.73
N TRP A 155 20.39 -18.69 -13.58
CA TRP A 155 20.14 -17.36 -14.06
C TRP A 155 18.75 -17.33 -14.71
N GLY A 156 17.98 -16.25 -14.51
CA GLY A 156 16.72 -16.14 -15.26
C GLY A 156 16.02 -14.80 -15.10
N ARG A 157 15.14 -14.54 -16.03
CA ARG A 157 14.25 -13.40 -15.95
C ARG A 157 12.84 -13.84 -16.28
N ILE A 158 11.95 -13.71 -15.31
CA ILE A 158 10.50 -13.86 -15.51
C ILE A 158 9.86 -12.50 -15.36
N ILE A 159 9.16 -12.04 -16.40
CA ILE A 159 8.51 -10.74 -16.46
C ILE A 159 7.03 -10.90 -16.82
N ASN A 160 6.14 -10.47 -15.92
CA ASN A 160 4.69 -10.65 -16.07
C ASN A 160 4.06 -9.31 -16.49
N ILE A 161 3.25 -9.31 -17.53
CA ILE A 161 2.68 -8.09 -18.03
C ILE A 161 1.23 -8.05 -17.55
N GLY A 162 0.87 -7.01 -16.82
CA GLY A 162 -0.51 -6.82 -16.37
C GLY A 162 -1.43 -6.40 -17.51
N SER A 163 -2.73 -6.28 -17.25
CA SER A 163 -3.63 -5.85 -18.35
C SER A 163 -3.75 -4.33 -18.47
N VAL A 164 -4.03 -3.87 -19.68
CA VAL A 164 -4.23 -2.46 -20.03
C VAL A 164 -5.54 -1.92 -19.48
N VAL A 165 -5.51 -0.67 -19.04
CA VAL A 165 -6.69 0.05 -18.59
C VAL A 165 -7.66 0.25 -19.76
N GLY A 166 -8.94 0.24 -19.49
CA GLY A 166 -9.93 0.43 -20.57
C GLY A 166 -11.38 0.01 -20.37
N ALA A 167 -11.63 -1.15 -19.78
CA ALA A 167 -13.02 -1.71 -19.88
C ALA A 167 -14.02 -0.86 -19.11
N MET A 168 -15.29 -0.95 -19.51
CA MET A 168 -16.28 -0.02 -19.01
C MET A 168 -16.89 -0.20 -17.61
N GLY A 169 -17.03 0.94 -16.94
CA GLY A 169 -17.82 1.05 -15.72
C GLY A 169 -17.23 0.40 -14.48
N ASN A 170 -18.12 0.08 -13.53
CA ASN A 170 -17.73 -0.48 -12.25
C ASN A 170 -17.12 -1.88 -12.37
N ALA A 171 -17.68 -2.72 -13.24
CA ALA A 171 -17.17 -4.06 -13.41
C ALA A 171 -15.73 -4.04 -13.95
N GLY A 172 -15.46 -3.13 -14.89
CA GLY A 172 -14.13 -2.98 -15.47
C GLY A 172 -13.10 -2.52 -14.46
N GLN A 173 -13.53 -1.60 -13.61
CA GLN A 173 -12.67 -1.08 -12.57
C GLN A 173 -12.37 -2.17 -11.51
N THR A 174 -13.40 -2.93 -11.15
CA THR A 174 -13.28 -4.01 -10.17
C THR A 174 -12.30 -5.08 -10.64
N ASN A 175 -12.50 -5.52 -11.88
CA ASN A 175 -11.64 -6.51 -12.52
C ASN A 175 -10.20 -6.01 -12.68
N TYR A 176 -10.01 -4.76 -13.10
CA TYR A 176 -8.67 -4.21 -13.26
C TYR A 176 -7.92 -4.20 -11.92
N ALA A 177 -8.57 -3.66 -10.88
CA ALA A 177 -7.92 -3.50 -9.60
C ALA A 177 -7.61 -4.89 -8.98
N ALA A 178 -8.49 -5.85 -9.19
CA ALA A 178 -8.30 -7.17 -8.67
C ALA A 178 -7.18 -7.89 -9.35
N ALA A 179 -7.14 -7.79 -10.68
CA ALA A 179 -6.10 -8.43 -11.48
C ALA A 179 -4.76 -7.78 -11.15
N LYS A 180 -4.73 -6.46 -10.94
CA LYS A 180 -3.48 -5.83 -10.62
C LYS A 180 -2.94 -6.26 -9.23
N ALA A 181 -3.84 -6.34 -8.25
CA ALA A 181 -3.44 -6.74 -6.92
C ALA A 181 -2.96 -8.20 -6.93
N GLY A 182 -3.66 -9.07 -7.63
CA GLY A 182 -3.21 -10.43 -7.81
C GLY A 182 -1.81 -10.54 -8.41
N LEU A 183 -1.60 -9.83 -9.51
CA LEU A 183 -0.33 -9.83 -10.20
C LEU A 183 0.82 -9.35 -9.30
N GLU A 184 0.60 -8.27 -8.55
CA GLU A 184 1.64 -7.78 -7.65
C GLU A 184 2.00 -8.73 -6.55
N GLY A 185 0.99 -9.32 -5.92
CA GLY A 185 1.23 -10.23 -4.81
C GLY A 185 1.86 -11.53 -5.32
N PHE A 186 1.40 -12.00 -6.47
CA PHE A 186 1.93 -13.22 -7.10
C PHE A 186 3.41 -13.06 -7.44
N THR A 187 3.70 -11.93 -8.04
CA THR A 187 5.05 -11.59 -8.47
C THR A 187 6.01 -11.48 -7.31
N ARG A 188 5.57 -10.89 -6.23
CA ARG A 188 6.42 -10.76 -5.08
C ARG A 188 6.75 -12.13 -4.43
N ALA A 189 5.75 -12.95 -4.35
CA ALA A 189 5.88 -14.26 -3.74
C ALA A 189 6.76 -15.15 -4.58
N LEU A 190 6.52 -15.17 -5.90
CA LEU A 190 7.37 -16.01 -6.77
C LEU A 190 8.81 -15.56 -6.73
N ALA A 191 9.04 -14.25 -6.71
CA ALA A 191 10.39 -13.70 -6.56
C ALA A 191 11.09 -14.21 -5.29
N ARG A 192 10.37 -14.25 -4.17
CA ARG A 192 10.92 -14.77 -2.90
C ARG A 192 11.25 -16.21 -3.00
N GLU A 193 10.39 -16.97 -3.66
CA GLU A 193 10.60 -18.39 -3.83
C GLU A 193 11.85 -18.73 -4.68
N VAL A 194 12.19 -17.96 -5.72
CA VAL A 194 13.23 -18.38 -6.68
C VAL A 194 14.49 -17.52 -6.61
N GLY A 195 14.53 -16.52 -5.74
CA GLY A 195 15.63 -15.55 -5.77
C GLY A 195 16.99 -16.12 -5.46
N SER A 196 17.07 -17.13 -4.63
CA SER A 196 18.41 -17.61 -4.25
C SER A 196 19.12 -18.18 -5.49
N ARG A 197 18.35 -18.52 -6.51
CA ARG A 197 18.91 -19.00 -7.77
C ARG A 197 19.33 -17.94 -8.77
N ALA A 198 19.41 -16.66 -8.38
CA ALA A 198 19.71 -15.55 -9.32
C ALA A 198 18.71 -15.45 -10.51
N ILE A 199 17.46 -15.82 -10.22
CA ILE A 199 16.33 -15.62 -11.12
C ILE A 199 15.51 -14.47 -10.55
N THR A 200 15.34 -13.40 -11.35
CA THR A 200 14.45 -12.32 -10.95
C THR A 200 13.04 -12.49 -11.56
N VAL A 201 12.04 -12.01 -10.82
CA VAL A 201 10.64 -12.09 -11.19
C VAL A 201 10.04 -10.75 -10.91
N ASN A 202 9.68 -10.04 -11.99
CA ASN A 202 9.06 -8.71 -11.93
C ASN A 202 7.80 -8.62 -12.79
N ALA A 203 7.05 -7.52 -12.62
CA ALA A 203 5.86 -7.31 -13.36
C ALA A 203 5.88 -5.90 -13.90
N VAL A 204 5.17 -5.70 -15.00
CA VAL A 204 4.95 -4.36 -15.55
C VAL A 204 3.45 -4.17 -15.58
N ALA A 205 2.95 -3.12 -14.95
CA ALA A 205 1.53 -2.83 -14.90
C ALA A 205 1.21 -1.63 -15.81
N PRO A 206 0.70 -1.90 -17.01
CA PRO A 206 0.43 -0.74 -17.89
C PRO A 206 -0.83 0.02 -17.49
N GLY A 207 -0.88 1.27 -17.91
CA GLY A 207 -2.07 2.10 -17.74
C GLY A 207 -2.80 2.12 -19.06
N PHE A 208 -3.17 3.30 -19.55
CA PHE A 208 -3.95 3.45 -20.77
C PHE A 208 -3.01 3.48 -21.97
N ILE A 209 -2.90 2.37 -22.68
CA ILE A 209 -1.95 2.19 -23.73
C ILE A 209 -2.67 2.13 -25.07
N ASP A 210 -2.06 2.74 -26.05
CA ASP A 210 -2.63 2.80 -27.41
C ASP A 210 -2.47 1.45 -28.10
N THR A 211 -3.52 0.63 -28.15
CA THR A 211 -3.47 -0.65 -28.86
C THR A 211 -4.77 -0.86 -29.64
N ASP A 212 -4.86 -1.98 -30.39
CA ASP A 212 -6.06 -2.36 -31.15
C ASP A 212 -7.29 -2.44 -30.25
N MET A 213 -7.13 -2.92 -29.02
CA MET A 213 -8.20 -2.99 -28.03
C MET A 213 -8.65 -1.61 -27.43
N THR A 214 -7.76 -0.59 -27.36
CA THR A 214 -8.18 0.73 -26.88
C THR A 214 -8.51 1.77 -27.99
N ARG A 215 -7.97 1.57 -29.19
CA ARG A 215 -8.13 2.49 -30.32
C ARG A 215 -9.57 2.86 -30.66
N GLU A 216 -10.52 1.98 -30.42
CA GLU A 216 -11.93 2.21 -30.77
C GLU A 216 -12.85 1.98 -29.55
N LEU A 217 -12.35 2.40 -28.40
CA LEU A 217 -13.19 2.56 -27.23
C LEU A 217 -14.07 3.75 -27.57
N PRO A 218 -15.30 3.76 -27.07
CA PRO A 218 -16.11 4.95 -27.19
C PRO A 218 -15.34 6.19 -26.77
N GLU A 219 -15.54 7.25 -27.52
CA GLU A 219 -14.79 8.50 -27.37
CA GLU A 219 -14.74 8.47 -27.36
C GLU A 219 -14.91 9.11 -25.98
N ALA A 220 -16.10 9.04 -25.41
CA ALA A 220 -16.37 9.59 -24.10
C ALA A 220 -15.58 8.86 -23.02
N GLN A 221 -15.49 7.53 -23.11
CA GLN A 221 -14.63 6.76 -22.21
C GLN A 221 -13.13 7.08 -22.35
N ARG A 222 -12.71 7.31 -23.57
CA ARG A 222 -11.34 7.65 -23.84
C ARG A 222 -10.99 8.99 -23.28
N GLU A 223 -11.90 9.97 -23.51
CA GLU A 223 -11.71 11.34 -23.03
C GLU A 223 -11.55 11.36 -21.55
N ALA A 224 -12.38 10.59 -20.84
CA ALA A 224 -12.36 10.54 -19.39
C ALA A 224 -11.09 9.88 -18.85
N LEU A 225 -10.65 8.78 -19.51
CA LEU A 225 -9.37 8.18 -19.17
C LEU A 225 -8.21 9.20 -19.36
N LEU A 226 -8.15 9.92 -20.48
CA LEU A 226 -7.13 10.96 -20.68
C LEU A 226 -7.10 12.04 -19.63
N GLY A 227 -8.29 12.39 -19.17
CA GLY A 227 -8.42 13.39 -18.11
C GLY A 227 -7.86 12.94 -16.78
N GLN A 228 -7.71 11.63 -16.56
CA GLN A 228 -7.15 11.11 -15.31
C GLN A 228 -5.62 10.85 -15.43
N ILE A 229 -5.01 11.19 -16.57
CA ILE A 229 -3.61 10.90 -16.79
C ILE A 229 -2.81 12.18 -16.77
N PRO A 230 -1.97 12.39 -15.72
CA PRO A 230 -1.11 13.59 -15.70
C PRO A 230 -0.34 13.90 -16.99
N LEU A 231 0.25 12.91 -17.63
CA LEU A 231 0.99 13.15 -18.88
C LEU A 231 0.11 13.57 -20.06
N GLY A 232 -1.20 13.36 -19.95
CA GLY A 232 -2.15 13.89 -20.91
C GLY A 232 -2.18 13.15 -22.26
N ARG A 233 -1.69 11.91 -22.30
CA ARG A 233 -1.67 11.12 -23.50
C ARG A 233 -1.70 9.63 -23.14
N LEU A 234 -2.05 8.83 -24.12
CA LEU A 234 -1.92 7.37 -24.06
C LEU A 234 -0.45 6.99 -24.13
N GLY A 235 -0.13 5.85 -23.57
CA GLY A 235 1.19 5.29 -23.72
C GLY A 235 1.28 4.52 -25.01
N GLN A 236 2.52 4.25 -25.46
CA GLN A 236 2.75 3.42 -26.63
C GLN A 236 3.20 2.06 -26.17
N ALA A 237 2.91 1.06 -26.98
CA ALA A 237 3.30 -0.32 -26.71
C ALA A 237 4.81 -0.38 -26.52
N GLU A 238 5.51 0.45 -27.29
CA GLU A 238 6.98 0.50 -27.27
CA GLU A 238 6.97 0.51 -27.28
C GLU A 238 7.49 0.96 -25.90
N GLU A 239 6.74 1.86 -25.25
CA GLU A 239 7.12 2.37 -23.92
C GLU A 239 6.97 1.30 -22.84
N ILE A 240 6.04 0.36 -23.02
CA ILE A 240 6.00 -0.86 -22.21
C ILE A 240 7.18 -1.75 -22.51
N ALA A 241 7.47 -1.95 -23.79
CA ALA A 241 8.55 -2.90 -24.20
C ALA A 241 9.92 -2.46 -23.71
N LYS A 242 10.16 -1.15 -23.69
CA LYS A 242 11.44 -0.64 -23.21
C LYS A 242 11.66 -0.98 -21.77
N VAL A 243 10.61 -0.98 -20.95
CA VAL A 243 10.71 -1.29 -19.54
C VAL A 243 11.04 -2.79 -19.41
N VAL A 244 10.38 -3.59 -20.20
CA VAL A 244 10.63 -5.05 -20.19
C VAL A 244 12.08 -5.36 -20.57
N GLY A 245 12.57 -4.64 -21.55
CA GLY A 245 13.93 -4.83 -22.03
C GLY A 245 14.95 -4.43 -20.99
N PHE A 246 14.69 -3.32 -20.29
CA PHE A 246 15.52 -3.01 -19.12
C PHE A 246 15.51 -4.10 -18.06
N LEU A 247 14.33 -4.56 -17.68
CA LEU A 247 14.20 -5.63 -16.62
C LEU A 247 14.94 -6.90 -17.01
N ALA A 248 14.90 -7.23 -18.29
CA ALA A 248 15.61 -8.44 -18.78
C ALA A 248 17.16 -8.36 -18.74
N SER A 249 17.69 -7.13 -18.64
CA SER A 249 19.13 -6.86 -18.75
C SER A 249 19.88 -7.14 -17.45
N ASP A 250 21.19 -7.16 -17.55
CA ASP A 250 22.04 -7.46 -16.38
C ASP A 250 22.01 -6.31 -15.38
N GLY A 251 21.73 -5.11 -15.85
CA GLY A 251 21.62 -3.95 -14.95
C GLY A 251 20.38 -3.93 -14.05
N ALA A 252 19.36 -4.73 -14.38
CA ALA A 252 18.22 -4.92 -13.49
C ALA A 252 18.38 -6.14 -12.55
N ALA A 253 19.61 -6.65 -12.39
CA ALA A 253 19.82 -7.92 -11.61
C ALA A 253 19.47 -7.81 -10.12
N TYR A 254 19.45 -6.61 -9.55
CA TYR A 254 19.04 -6.45 -8.17
C TYR A 254 17.57 -6.00 -7.98
N VAL A 255 16.83 -5.89 -9.10
CA VAL A 255 15.39 -5.66 -9.07
C VAL A 255 14.63 -6.98 -9.14
N THR A 256 13.93 -7.33 -8.08
CA THR A 256 13.10 -8.50 -8.15
C THR A 256 11.95 -8.39 -7.15
N GLY A 257 10.82 -9.00 -7.53
CA GLY A 257 9.60 -8.90 -6.76
C GLY A 257 8.83 -7.58 -6.99
N ALA A 258 9.27 -6.80 -7.95
CA ALA A 258 8.72 -5.46 -8.20
C ALA A 258 7.67 -5.50 -9.25
N THR A 259 6.70 -4.58 -9.14
CA THR A 259 5.77 -4.26 -10.23
C THR A 259 5.99 -2.78 -10.60
N VAL A 260 6.40 -2.53 -11.83
CA VAL A 260 6.74 -1.21 -12.34
C VAL A 260 5.51 -0.71 -13.08
N PRO A 261 4.90 0.31 -12.55
CA PRO A 261 3.77 0.89 -13.21
C PRO A 261 4.23 1.77 -14.35
N VAL A 262 3.58 1.61 -15.50
CA VAL A 262 3.88 2.34 -16.70
C VAL A 262 2.57 2.94 -17.12
N ASN A 263 2.24 4.10 -16.55
CA ASN A 263 0.91 4.62 -16.68
C ASN A 263 0.74 6.13 -16.78
N GLY A 264 1.80 6.86 -17.01
CA GLY A 264 1.74 8.30 -17.17
C GLY A 264 1.26 9.06 -15.94
N GLY A 265 1.36 8.42 -14.79
CA GLY A 265 0.97 9.02 -13.51
C GLY A 265 -0.47 8.77 -13.08
N MET A 266 -1.19 7.97 -13.83
CA MET A 266 -2.53 7.60 -13.50
C MET A 266 -2.53 6.35 -12.65
N TYR A 267 -2.77 6.52 -11.35
CA TYR A 267 -2.80 5.39 -10.40
C TYR A 267 -4.22 5.06 -9.90
N MET A 268 -4.67 3.84 -10.21
CA MET A 268 -6.04 3.39 -9.96
C MET A 268 -5.98 2.13 -9.15
N SER A 269 -6.50 2.22 -7.92
CA SER A 269 -6.60 1.14 -6.95
C SER A 269 -8.09 0.86 -6.68
N ASN B 17 -31.11 9.30 24.02
CA ASN B 17 -30.95 9.37 22.54
C ASN B 17 -29.49 9.25 22.06
N LEU B 18 -28.64 10.26 22.34
CA LEU B 18 -27.20 10.10 22.13
C LEU B 18 -26.74 8.81 22.82
N TYR B 19 -27.30 8.49 23.99
CA TYR B 19 -26.81 7.34 24.78
C TYR B 19 -27.41 5.96 24.47
N PHE B 20 -28.47 5.92 23.66
CA PHE B 20 -29.19 4.70 23.29
C PHE B 20 -29.39 4.58 21.79
N GLN B 21 -28.39 3.96 21.20
CA GLN B 21 -28.40 3.57 19.80
C GLN B 21 -27.68 2.23 19.72
N SER B 22 -28.41 1.19 19.35
CA SER B 22 -27.89 -0.19 19.44
C SER B 22 -26.68 -0.46 18.58
N MET B 23 -25.62 -0.92 19.24
CA MET B 23 -24.43 -1.46 18.64
C MET B 23 -24.31 -2.91 19.08
N SER B 24 -25.43 -3.51 19.53
CA SER B 24 -25.57 -4.93 19.80
C SER B 24 -26.14 -5.66 18.58
N LEU B 25 -26.10 -6.99 18.69
CA LEU B 25 -26.40 -7.88 17.61
C LEU B 25 -27.60 -8.74 17.86
N GLN B 26 -28.37 -8.38 18.88
CA GLN B 26 -29.61 -9.08 19.18
C GLN B 26 -30.45 -9.16 17.91
N GLY B 27 -31.04 -10.31 17.68
CA GLY B 27 -31.86 -10.50 16.51
C GLY B 27 -31.13 -10.95 15.26
N LYS B 28 -29.78 -11.02 15.31
CA LYS B 28 -28.97 -11.51 14.19
C LYS B 28 -28.50 -12.92 14.35
N VAL B 29 -28.38 -13.61 13.24
CA VAL B 29 -27.77 -14.94 13.22
C VAL B 29 -26.39 -14.77 12.61
N ALA B 30 -25.39 -15.34 13.25
CA ALA B 30 -24.02 -15.26 12.84
C ALA B 30 -23.45 -16.66 12.61
N LEU B 31 -22.72 -16.81 11.52
CA LEU B 31 -22.06 -18.09 11.19
C LEU B 31 -20.57 -17.81 11.32
N VAL B 32 -19.91 -18.56 12.16
CA VAL B 32 -18.47 -18.45 12.39
C VAL B 32 -17.84 -19.80 12.05
N THR B 33 -17.08 -19.85 10.97
CA THR B 33 -16.44 -21.11 10.58
C THR B 33 -15.15 -21.28 11.36
N GLY B 34 -14.74 -22.52 11.55
CA GLY B 34 -13.54 -22.82 12.34
C GLY B 34 -13.61 -22.35 13.76
N ALA B 35 -14.76 -22.60 14.41
CA ALA B 35 -15.04 -22.03 15.74
C ALA B 35 -14.67 -22.90 16.92
N SER B 36 -13.97 -24.02 16.72
CA SER B 36 -13.74 -24.91 17.87
C SER B 36 -12.61 -24.51 18.83
N ARG B 37 -11.74 -23.59 18.41
CA ARG B 37 -10.64 -23.18 19.25
C ARG B 37 -10.09 -21.82 18.83
N GLY B 38 -9.19 -21.31 19.65
CA GLY B 38 -8.39 -20.15 19.33
C GLY B 38 -9.23 -18.98 18.91
N ILE B 39 -8.83 -18.38 17.82
CA ILE B 39 -9.48 -17.19 17.32
C ILE B 39 -10.97 -17.38 16.98
N GLY B 40 -11.27 -18.44 16.24
CA GLY B 40 -12.64 -18.77 15.83
C GLY B 40 -13.57 -18.90 17.05
N GLN B 41 -13.10 -19.59 18.07
CA GLN B 41 -13.89 -19.71 19.31
C GLN B 41 -14.08 -18.39 20.02
N ALA B 42 -13.03 -17.60 20.16
CA ALA B 42 -13.20 -16.29 20.74
C ALA B 42 -14.17 -15.42 19.92
N ILE B 43 -14.14 -15.54 18.60
CA ILE B 43 -15.05 -14.73 17.78
C ILE B 43 -16.49 -15.16 18.06
N ALA B 44 -16.69 -16.47 18.17
CA ALA B 44 -18.04 -17.02 18.39
C ALA B 44 -18.60 -16.55 19.73
N LEU B 45 -17.76 -16.54 20.76
CA LEU B 45 -18.15 -16.02 22.09
C LEU B 45 -18.39 -14.54 22.11
N GLU B 46 -17.58 -13.77 21.39
CA GLU B 46 -17.80 -12.34 21.38
C GLU B 46 -19.11 -12.00 20.66
N LEU B 47 -19.41 -12.61 19.54
CA LEU B 47 -20.66 -12.30 18.87
C LEU B 47 -21.84 -12.76 19.70
N GLY B 48 -21.69 -13.90 20.37
CA GLY B 48 -22.66 -14.32 21.39
C GLY B 48 -22.84 -13.33 22.53
N ARG B 49 -21.74 -12.84 23.07
CA ARG B 49 -21.78 -11.83 24.07
C ARG B 49 -22.56 -10.59 23.62
N LEU B 50 -22.46 -10.21 22.33
CA LEU B 50 -23.13 -9.02 21.81
C LEU B 50 -24.58 -9.29 21.48
N GLY B 51 -25.04 -10.52 21.70
CA GLY B 51 -26.44 -10.86 21.46
C GLY B 51 -26.79 -11.72 20.25
N ALA B 52 -25.84 -12.07 19.40
CA ALA B 52 -26.17 -12.84 18.20
C ALA B 52 -26.53 -14.29 18.59
N VAL B 53 -27.38 -14.93 17.81
CA VAL B 53 -27.45 -16.36 17.76
C VAL B 53 -26.29 -16.88 16.92
N VAL B 54 -25.47 -17.76 17.47
CA VAL B 54 -24.23 -18.12 16.82
C VAL B 54 -24.19 -19.58 16.38
N ILE B 55 -23.93 -19.80 15.10
CA ILE B 55 -23.58 -21.09 14.60
C ILE B 55 -22.05 -21.10 14.41
N GLY B 56 -21.35 -21.93 15.16
CA GLY B 56 -19.93 -22.18 14.95
C GLY B 56 -19.77 -23.49 14.21
N THR B 57 -18.78 -23.61 13.33
CA THR B 57 -18.54 -24.85 12.57
C THR B 57 -17.14 -25.39 12.73
N ALA B 58 -17.05 -26.69 12.53
CA ALA B 58 -15.77 -27.42 12.54
C ALA B 58 -15.86 -28.47 11.47
N THR B 59 -14.73 -29.06 11.10
CA THR B 59 -14.73 -30.07 10.05
C THR B 59 -15.05 -31.46 10.56
N SER B 60 -15.10 -31.63 11.88
CA SER B 60 -15.41 -32.96 12.48
C SER B 60 -16.58 -32.86 13.43
N ALA B 61 -17.25 -34.00 13.63
CA ALA B 61 -18.33 -34.10 14.62
C ALA B 61 -17.84 -33.78 16.02
N SER B 62 -16.62 -34.15 16.34
CA SER B 62 -16.08 -33.84 17.67
C SER B 62 -15.90 -32.34 17.88
N GLY B 63 -15.38 -31.66 16.87
CA GLY B 63 -15.26 -30.21 16.91
C GLY B 63 -16.61 -29.51 17.04
N ALA B 64 -17.61 -29.99 16.31
CA ALA B 64 -18.97 -29.47 16.43
C ALA B 64 -19.49 -29.61 17.85
N GLU B 65 -19.28 -30.78 18.46
CA GLU B 65 -19.77 -31.01 19.83
C GLU B 65 -19.10 -30.06 20.81
N LYS B 66 -17.77 -29.96 20.71
CA LYS B 66 -17.01 -28.98 21.50
C LYS B 66 -17.55 -27.55 21.38
N ILE B 67 -17.91 -27.14 20.17
CA ILE B 67 -18.52 -25.81 19.94
C ILE B 67 -19.86 -25.69 20.64
N ALA B 68 -20.73 -26.70 20.51
CA ALA B 68 -22.04 -26.67 21.19
C ALA B 68 -21.88 -26.58 22.67
N GLU B 69 -20.94 -27.33 23.25
CA GLU B 69 -20.65 -27.25 24.71
C GLU B 69 -20.15 -25.92 25.13
N THR B 70 -19.19 -25.39 24.38
CA THR B 70 -18.68 -24.06 24.68
C THR B 70 -19.80 -23.01 24.62
N LEU B 71 -20.60 -23.02 23.56
CA LEU B 71 -21.72 -22.07 23.49
C LEU B 71 -22.67 -22.18 24.65
N LYS B 72 -23.08 -23.43 24.94
CA LYS B 72 -24.03 -23.67 26.06
C LYS B 72 -23.48 -23.15 27.36
N ALA B 73 -22.21 -23.48 27.65
CA ALA B 73 -21.56 -23.05 28.90
C ALA B 73 -21.49 -21.52 29.08
N ASN B 74 -21.52 -20.77 27.98
CA ASN B 74 -21.42 -19.30 28.03
C ASN B 74 -22.75 -18.68 27.80
N GLY B 75 -23.79 -19.50 27.74
CA GLY B 75 -25.13 -18.96 27.62
C GLY B 75 -25.43 -18.33 26.28
N VAL B 76 -24.82 -18.87 25.24
CA VAL B 76 -25.02 -18.35 23.90
C VAL B 76 -25.96 -19.34 23.21
N GLU B 77 -27.00 -18.82 22.60
CA GLU B 77 -27.87 -19.60 21.76
C GLU B 77 -27.24 -19.83 20.38
N GLY B 78 -27.49 -21.00 19.81
CA GLY B 78 -27.04 -21.30 18.48
C GLY B 78 -26.81 -22.78 18.30
N ALA B 79 -25.72 -23.15 17.63
CA ALA B 79 -25.37 -24.56 17.42
C ALA B 79 -23.93 -24.72 16.99
N GLY B 80 -23.42 -25.95 17.12
CA GLY B 80 -22.14 -26.36 16.52
C GLY B 80 -22.51 -27.32 15.40
N LEU B 81 -21.98 -27.07 14.21
CA LEU B 81 -22.29 -27.88 13.02
C LEU B 81 -21.00 -28.33 12.34
N VAL B 82 -21.10 -29.39 11.56
CA VAL B 82 -20.00 -29.82 10.74
C VAL B 82 -20.09 -29.15 9.40
N LEU B 83 -18.98 -28.57 8.95
CA LEU B 83 -18.92 -27.87 7.67
C LEU B 83 -17.53 -27.99 7.09
N ASP B 84 -17.47 -28.36 5.84
CA ASP B 84 -16.21 -28.42 5.10
C ASP B 84 -16.31 -27.35 4.00
N VAL B 85 -15.60 -26.24 4.18
CA VAL B 85 -15.69 -25.06 3.27
C VAL B 85 -15.06 -25.35 1.89
N SER B 86 -14.28 -26.43 1.80
CA SER B 86 -13.71 -26.87 0.52
C SER B 86 -14.71 -27.64 -0.33
N SER B 87 -15.89 -27.92 0.19
CA SER B 87 -16.89 -28.73 -0.53
C SER B 87 -18.21 -27.98 -0.82
N ASP B 88 -18.61 -27.90 -2.09
CA ASP B 88 -19.87 -27.26 -2.46
C ASP B 88 -21.05 -27.91 -1.82
N GLU B 89 -20.98 -29.22 -1.70
CA GLU B 89 -22.08 -29.98 -1.17
C GLU B 89 -22.19 -29.69 0.33
N SER B 90 -21.08 -29.74 1.07
CA SER B 90 -21.13 -29.46 2.50
C SER B 90 -21.68 -28.03 2.73
N VAL B 91 -21.22 -27.08 1.95
CA VAL B 91 -21.71 -25.68 2.06
C VAL B 91 -23.21 -25.55 1.77
N ALA B 92 -23.69 -26.09 0.66
CA ALA B 92 -25.15 -25.98 0.36
C ALA B 92 -26.02 -26.69 1.39
N ALA B 93 -25.63 -27.89 1.78
CA ALA B 93 -26.35 -28.64 2.79
C ALA B 93 -26.39 -27.92 4.12
N THR B 94 -25.24 -27.42 4.58
CA THR B 94 -25.19 -26.78 5.88
C THR B 94 -26.03 -25.50 5.92
N LEU B 95 -25.97 -24.69 4.87
CA LEU B 95 -26.82 -23.48 4.86
C LEU B 95 -28.29 -23.80 4.84
N GLU B 96 -28.66 -24.84 4.10
CA GLU B 96 -30.07 -25.23 4.00
C GLU B 96 -30.56 -25.63 5.37
N HIS B 97 -29.79 -26.47 6.04
CA HIS B 97 -30.06 -26.84 7.41
CA HIS B 97 -30.05 -26.87 7.41
C HIS B 97 -30.17 -25.65 8.38
N ILE B 98 -29.26 -24.69 8.30
CA ILE B 98 -29.34 -23.49 9.13
C ILE B 98 -30.59 -22.66 8.85
N GLN B 99 -30.94 -22.52 7.57
CA GLN B 99 -32.12 -21.75 7.19
C GLN B 99 -33.36 -22.39 7.74
N GLN B 100 -33.41 -23.71 7.70
CA GLN B 100 -34.57 -24.43 8.20
C GLN B 100 -34.72 -24.28 9.72
N HIS B 101 -33.62 -24.42 10.45
CA HIS B 101 -33.72 -24.57 11.89
C HIS B 101 -33.40 -23.35 12.73
N LEU B 102 -32.70 -22.37 12.16
CA LEU B 102 -32.37 -21.13 12.89
C LEU B 102 -32.72 -19.87 12.17
N GLY B 103 -32.51 -19.81 10.87
CA GLY B 103 -32.71 -18.59 10.08
C GLY B 103 -31.48 -18.29 9.22
N GLN B 104 -31.56 -17.23 8.42
CA GLN B 104 -30.51 -16.86 7.48
C GLN B 104 -29.35 -16.20 8.20
N PRO B 105 -28.12 -16.71 8.06
CA PRO B 105 -26.99 -16.00 8.67
C PRO B 105 -26.68 -14.68 7.96
N LEU B 106 -26.83 -13.54 8.65
CA LEU B 106 -26.53 -12.23 8.02
C LEU B 106 -25.14 -11.68 8.41
N ILE B 107 -24.51 -12.33 9.38
CA ILE B 107 -23.13 -12.10 9.74
C ILE B 107 -22.37 -13.38 9.53
N VAL B 108 -21.34 -13.33 8.66
CA VAL B 108 -20.58 -14.54 8.34
C VAL B 108 -19.14 -14.22 8.53
N VAL B 109 -18.50 -14.99 9.38
CA VAL B 109 -17.10 -14.84 9.66
C VAL B 109 -16.32 -16.04 9.15
N ASN B 110 -15.44 -15.82 8.19
CA ASN B 110 -14.66 -16.88 7.59
C ASN B 110 -13.34 -16.98 8.30
N ASN B 111 -13.21 -18.01 9.10
CA ASN B 111 -12.00 -18.21 9.84
C ASN B 111 -11.34 -19.54 9.51
N ALA B 112 -12.08 -20.47 8.95
CA ALA B 112 -11.56 -21.82 8.70
C ALA B 112 -10.47 -21.78 7.65
N ASP B 126 6.53 -23.15 -3.77
CA ASP B 126 5.81 -24.31 -4.27
C ASP B 126 4.66 -24.75 -3.36
N GLU B 127 4.55 -24.08 -2.22
CA GLU B 127 3.40 -24.20 -1.35
C GLU B 127 2.51 -22.95 -1.39
N TRP B 128 3.09 -21.76 -1.53
CA TRP B 128 2.30 -20.55 -1.29
C TRP B 128 1.15 -20.46 -2.32
N PHE B 129 1.40 -20.90 -3.55
CA PHE B 129 0.39 -20.72 -4.58
C PHE B 129 -0.86 -21.53 -4.31
N ASP B 130 -0.68 -22.81 -4.04
CA ASP B 130 -1.80 -23.70 -3.75
CA ASP B 130 -1.77 -23.69 -3.74
C ASP B 130 -2.50 -23.29 -2.45
N VAL B 131 -1.76 -22.86 -1.44
CA VAL B 131 -2.40 -22.42 -0.19
C VAL B 131 -3.32 -21.22 -0.44
N VAL B 132 -2.82 -20.22 -1.12
CA VAL B 132 -3.63 -19.05 -1.35
C VAL B 132 -4.81 -19.40 -2.22
N ASN B 133 -4.57 -20.15 -3.27
CA ASN B 133 -5.63 -20.54 -4.20
C ASN B 133 -6.80 -21.27 -3.50
N THR B 134 -6.45 -22.23 -2.66
CA THR B 134 -7.41 -22.96 -1.85
C THR B 134 -8.17 -22.08 -0.86
N ASN B 135 -7.45 -21.26 -0.11
CA ASN B 135 -8.10 -20.36 0.81
C ASN B 135 -9.13 -19.45 0.10
N LEU B 136 -8.74 -18.86 -1.04
CA LEU B 136 -9.63 -17.89 -1.71
C LEU B 136 -10.78 -18.57 -2.38
N ASN B 137 -10.55 -19.78 -2.87
CA ASN B 137 -11.64 -20.54 -3.39
C ASN B 137 -12.66 -20.86 -2.33
N SER B 138 -12.22 -21.12 -1.10
CA SER B 138 -13.13 -21.38 0.00
CA SER B 138 -13.15 -21.39 0.01
C SER B 138 -13.89 -20.13 0.44
N LEU B 139 -13.18 -19.03 0.61
CA LEU B 139 -13.87 -17.76 0.89
C LEU B 139 -14.94 -17.49 -0.16
N TYR B 140 -14.60 -17.68 -1.44
CA TYR B 140 -15.51 -17.35 -2.52
C TYR B 140 -16.76 -18.23 -2.48
N ARG B 141 -16.53 -19.52 -2.26
CA ARG B 141 -17.60 -20.46 -2.20
C ARG B 141 -18.59 -20.11 -1.08
N LEU B 142 -18.10 -19.90 0.14
CA LEU B 142 -18.98 -19.65 1.25
C LEU B 142 -19.69 -18.31 1.07
N SER B 143 -18.93 -17.30 0.67
CA SER B 143 -19.49 -15.96 0.48
C SER B 143 -20.63 -15.99 -0.50
N LYS B 144 -20.44 -16.62 -1.65
CA LYS B 144 -21.51 -16.63 -2.66
C LYS B 144 -22.76 -17.32 -2.14
N ALA B 145 -22.56 -18.40 -1.39
CA ALA B 145 -23.67 -19.13 -0.86
C ALA B 145 -24.47 -18.30 0.15
N VAL B 146 -23.81 -17.51 0.99
CA VAL B 146 -24.55 -16.75 2.01
C VAL B 146 -25.10 -15.46 1.47
N LEU B 147 -24.62 -15.04 0.29
CA LEU B 147 -25.05 -13.73 -0.25
C LEU B 147 -26.53 -13.66 -0.60
N ARG B 148 -27.09 -14.79 -0.97
CA ARG B 148 -28.51 -14.81 -1.35
C ARG B 148 -29.38 -14.33 -0.21
N GLY B 149 -29.17 -14.90 0.99
CA GLY B 149 -29.93 -14.42 2.16
C GLY B 149 -29.69 -12.97 2.54
N MET B 150 -28.44 -12.52 2.41
CA MET B 150 -28.13 -11.14 2.72
C MET B 150 -28.76 -10.22 1.73
N THR B 151 -28.77 -10.62 0.47
CA THR B 151 -29.40 -9.82 -0.57
C THR B 151 -30.91 -9.64 -0.25
N LYS B 152 -31.55 -10.73 0.17
CA LYS B 152 -32.98 -10.73 0.50
C LYS B 152 -33.24 -9.80 1.69
N ALA B 153 -32.39 -9.88 2.71
CA ALA B 153 -32.54 -8.96 3.84
C ALA B 153 -32.08 -7.55 3.57
N ARG B 154 -31.39 -7.32 2.45
CA ARG B 154 -30.70 -6.06 2.19
C ARG B 154 -29.80 -5.58 3.28
N TRP B 155 -29.04 -6.52 3.83
CA TRP B 155 -28.15 -6.19 4.87
C TRP B 155 -27.21 -7.36 5.05
N GLY B 156 -25.92 -7.10 5.28
CA GLY B 156 -25.04 -8.23 5.65
C GLY B 156 -23.67 -7.80 6.11
N ARG B 157 -22.94 -8.74 6.71
CA ARG B 157 -21.59 -8.55 7.12
C ARG B 157 -20.85 -9.77 6.79
N ILE B 158 -19.85 -9.62 5.96
CA ILE B 158 -18.91 -10.70 5.69
C ILE B 158 -17.55 -10.23 6.22
N ILE B 159 -16.92 -11.05 7.05
CA ILE B 159 -15.67 -10.70 7.72
C ILE B 159 -14.71 -11.87 7.56
N ASN B 160 -13.60 -11.61 6.86
CA ASN B 160 -12.62 -12.69 6.57
C ASN B 160 -11.45 -12.56 7.54
N ILE B 161 -11.03 -13.65 8.14
CA ILE B 161 -9.94 -13.60 9.08
C ILE B 161 -8.67 -14.12 8.39
N GLY B 162 -7.61 -13.32 8.39
CA GLY B 162 -6.35 -13.73 7.83
C GLY B 162 -5.63 -14.73 8.70
N SER B 163 -4.51 -15.23 8.24
CA SER B 163 -3.78 -16.21 9.03
C SER B 163 -2.77 -15.47 9.89
N VAL B 164 -2.52 -16.02 11.04
CA VAL B 164 -1.49 -15.48 11.94
C VAL B 164 -0.12 -15.73 11.32
N VAL B 165 0.88 -15.01 11.80
CA VAL B 165 2.25 -15.26 11.33
C VAL B 165 2.56 -16.72 11.75
N GLY B 166 2.72 -17.59 10.74
CA GLY B 166 2.76 -19.05 10.90
C GLY B 166 4.13 -19.62 11.26
N ALA B 167 5.20 -19.01 10.73
CA ALA B 167 6.55 -19.55 10.88
C ALA B 167 7.60 -18.44 10.74
N MET B 168 8.80 -18.73 11.24
CA MET B 168 9.81 -17.70 11.50
C MET B 168 10.65 -17.28 10.29
N GLY B 169 10.88 -18.19 9.35
CA GLY B 169 11.87 -17.94 8.30
C GLY B 169 11.32 -17.33 7.01
N ASN B 170 12.07 -17.52 5.93
CA ASN B 170 11.75 -16.94 4.63
C ASN B 170 10.48 -17.53 4.03
N ALA B 171 10.31 -18.85 4.15
CA ALA B 171 9.12 -19.52 3.63
C ALA B 171 7.87 -19.03 4.38
N GLY B 172 7.99 -18.85 5.69
CA GLY B 172 6.90 -18.34 6.49
C GLY B 172 6.52 -16.93 6.11
N GLN B 173 7.53 -16.11 5.84
CA GLN B 173 7.28 -14.73 5.45
C GLN B 173 6.56 -14.69 4.09
N THR B 174 7.05 -15.52 3.17
CA THR B 174 6.50 -15.59 1.81
C THR B 174 5.04 -15.99 1.83
N ASN B 175 4.74 -17.07 2.56
CA ASN B 175 3.38 -17.59 2.72
C ASN B 175 2.46 -16.60 3.41
N TYR B 176 2.92 -15.99 4.49
CA TYR B 176 2.18 -14.98 5.21
C TYR B 176 1.84 -13.75 4.35
N ALA B 177 2.87 -13.18 3.71
CA ALA B 177 2.65 -12.02 2.88
C ALA B 177 1.76 -12.33 1.68
N ALA B 178 1.91 -13.51 1.07
CA ALA B 178 1.09 -13.89 -0.07
C ALA B 178 -0.38 -14.07 0.27
N ALA B 179 -0.62 -14.76 1.39
CA ALA B 179 -1.96 -15.01 1.85
C ALA B 179 -2.57 -13.69 2.24
N LYS B 180 -1.80 -12.80 2.85
CA LYS B 180 -2.36 -11.53 3.24
C LYS B 180 -2.73 -10.67 2.01
N ALA B 181 -1.86 -10.65 1.03
CA ALA B 181 -2.12 -9.88 -0.19
C ALA B 181 -3.35 -10.43 -0.93
N GLY B 182 -3.48 -11.73 -1.02
CA GLY B 182 -4.66 -12.31 -1.58
C GLY B 182 -5.95 -12.02 -0.86
N LEU B 183 -5.92 -12.14 0.47
CA LEU B 183 -7.03 -11.77 1.32
C LEU B 183 -7.44 -10.30 1.09
N GLU B 184 -6.49 -9.38 1.05
CA GLU B 184 -6.84 -7.97 0.93
C GLU B 184 -7.49 -7.66 -0.42
N GLY B 185 -6.92 -8.21 -1.50
CA GLY B 185 -7.43 -7.92 -2.83
C GLY B 185 -8.76 -8.55 -3.04
N PHE B 186 -8.90 -9.75 -2.57
CA PHE B 186 -10.19 -10.44 -2.63
C PHE B 186 -11.28 -9.67 -1.88
N THR B 187 -10.95 -9.26 -0.65
CA THR B 187 -11.83 -8.52 0.17
C THR B 187 -12.30 -7.22 -0.44
N ARG B 188 -11.37 -6.49 -1.01
CA ARG B 188 -11.73 -5.25 -1.65
C ARG B 188 -12.64 -5.45 -2.90
N ALA B 189 -12.40 -6.51 -3.65
CA ALA B 189 -13.13 -6.78 -4.87
C ALA B 189 -14.55 -7.26 -4.56
N LEU B 190 -14.67 -8.19 -3.65
CA LEU B 190 -16.01 -8.63 -3.19
C LEU B 190 -16.83 -7.52 -2.58
N ALA B 191 -16.23 -6.65 -1.79
CA ALA B 191 -16.90 -5.47 -1.27
C ALA B 191 -17.48 -4.59 -2.38
N ARG B 192 -16.72 -4.39 -3.45
CA ARG B 192 -17.18 -3.58 -4.59
C ARG B 192 -18.35 -4.27 -5.25
N GLU B 193 -18.27 -5.60 -5.39
CA GLU B 193 -19.35 -6.33 -6.01
C GLU B 193 -20.72 -6.27 -5.26
N VAL B 194 -20.74 -6.24 -3.90
CA VAL B 194 -21.95 -6.44 -3.17
C VAL B 194 -22.42 -5.19 -2.41
N GLY B 195 -21.67 -4.10 -2.54
CA GLY B 195 -21.93 -2.93 -1.72
C GLY B 195 -23.26 -2.28 -1.97
N SER B 196 -23.76 -2.31 -3.20
CA SER B 196 -25.05 -1.65 -3.45
C SER B 196 -26.17 -2.30 -2.66
N ARG B 197 -25.98 -3.55 -2.23
CA ARG B 197 -26.92 -4.20 -1.38
C ARG B 197 -26.81 -3.94 0.14
N ALA B 198 -26.00 -2.98 0.58
CA ALA B 198 -25.79 -2.69 2.01
C ALA B 198 -25.20 -3.91 2.77
N ILE B 199 -24.39 -4.67 2.06
CA ILE B 199 -23.56 -5.72 2.60
C ILE B 199 -22.12 -5.23 2.61
N THR B 200 -21.47 -5.21 3.79
CA THR B 200 -20.07 -4.91 3.90
C THR B 200 -19.21 -6.20 3.95
N VAL B 201 -18.00 -6.07 3.37
CA VAL B 201 -17.00 -7.16 3.28
C VAL B 201 -15.67 -6.58 3.70
N ASN B 202 -15.19 -7.03 4.85
CA ASN B 202 -13.95 -6.60 5.45
C ASN B 202 -13.09 -7.81 5.85
N ALA B 203 -11.82 -7.54 6.18
CA ALA B 203 -10.94 -8.57 6.67
C ALA B 203 -10.26 -8.10 7.95
N VAL B 204 -9.77 -9.05 8.73
CA VAL B 204 -8.93 -8.75 9.86
C VAL B 204 -7.66 -9.54 9.68
N ALA B 205 -6.51 -8.88 9.73
CA ALA B 205 -5.20 -9.54 9.52
C ALA B 205 -4.40 -9.60 10.79
N PRO B 206 -4.40 -10.74 11.47
CA PRO B 206 -3.71 -10.79 12.75
C PRO B 206 -2.22 -10.87 12.54
N GLY B 207 -1.49 -10.45 13.57
CA GLY B 207 -0.04 -10.53 13.54
C GLY B 207 0.32 -11.81 14.28
N PHE B 208 1.14 -11.66 15.33
CA PHE B 208 1.46 -12.76 16.25
C PHE B 208 0.47 -12.81 17.39
N ILE B 209 -0.26 -13.90 17.47
CA ILE B 209 -1.30 -14.08 18.42
C ILE B 209 -0.97 -15.25 19.30
N ASP B 210 -1.32 -15.15 20.58
CA ASP B 210 -1.10 -16.21 21.53
C ASP B 210 -2.04 -17.39 21.24
N THR B 211 -1.52 -18.43 20.59
CA THR B 211 -2.29 -19.64 20.31
C THR B 211 -1.40 -20.85 20.56
N ASP B 212 -1.91 -22.04 20.21
CA ASP B 212 -1.09 -23.25 20.29
C ASP B 212 0.22 -23.15 19.52
N MET B 213 0.23 -22.47 18.39
CA MET B 213 1.50 -22.28 17.65
C MET B 213 2.60 -21.59 18.48
N THR B 214 2.25 -20.44 19.04
CA THR B 214 3.24 -19.58 19.69
C THR B 214 3.59 -20.07 21.08
N ARG B 215 2.64 -20.75 21.72
CA ARG B 215 2.91 -21.37 22.99
C ARG B 215 4.05 -22.39 22.98
N GLU B 216 4.33 -22.99 21.83
CA GLU B 216 5.27 -24.09 21.80
C GLU B 216 6.69 -23.59 21.54
N LEU B 217 6.90 -22.30 21.35
CA LEU B 217 8.23 -21.83 21.02
C LEU B 217 9.18 -21.84 22.22
N PRO B 218 10.46 -22.15 22.00
CA PRO B 218 11.43 -22.00 23.07
C PRO B 218 11.31 -20.62 23.70
N GLU B 219 11.47 -20.60 25.01
CA GLU B 219 11.31 -19.40 25.81
C GLU B 219 12.10 -18.18 25.33
N ALA B 220 13.33 -18.42 24.88
CA ALA B 220 14.18 -17.37 24.35
C ALA B 220 13.71 -16.88 22.97
N GLN B 221 13.40 -17.81 22.05
CA GLN B 221 12.94 -17.48 20.70
C GLN B 221 11.66 -16.61 20.72
N ARG B 222 10.88 -16.72 21.79
CA ARG B 222 9.73 -15.87 22.00
C ARG B 222 10.17 -14.44 22.30
N GLU B 223 11.22 -14.27 23.09
CA GLU B 223 11.77 -12.95 23.37
C GLU B 223 12.19 -12.20 22.09
N ALA B 224 12.79 -12.92 21.16
CA ALA B 224 13.27 -12.31 19.90
C ALA B 224 12.10 -11.90 18.98
N LEU B 225 11.07 -12.73 19.00
CA LEU B 225 9.84 -12.44 18.32
C LEU B 225 9.17 -11.16 18.85
N LEU B 226 9.04 -11.10 20.15
CA LEU B 226 8.52 -9.95 20.85
C LEU B 226 9.30 -8.68 20.54
N GLY B 227 10.59 -8.79 20.32
CA GLY B 227 11.38 -7.64 19.94
C GLY B 227 10.99 -6.97 18.60
N GLN B 228 10.32 -7.69 17.70
CA GLN B 228 9.81 -7.06 16.49
C GLN B 228 8.43 -6.41 16.61
N ILE B 229 7.83 -6.50 17.78
CA ILE B 229 6.48 -6.00 17.97
C ILE B 229 6.55 -4.78 18.86
N PRO B 230 6.25 -3.58 18.30
CA PRO B 230 6.30 -2.43 19.13
C PRO B 230 5.62 -2.56 20.51
N LEU B 231 4.47 -3.19 20.60
CA LEU B 231 3.76 -3.27 21.85
C LEU B 231 4.44 -4.24 22.82
N GLY B 232 5.37 -5.06 22.31
CA GLY B 232 6.21 -5.87 23.18
C GLY B 232 5.50 -7.09 23.75
N ARG B 233 4.37 -7.48 23.16
CA ARG B 233 3.63 -8.66 23.65
C ARG B 233 2.88 -9.32 22.47
N LEU B 234 2.50 -10.58 22.66
CA LEU B 234 1.60 -11.28 21.77
C LEU B 234 0.20 -10.72 21.92
N GLY B 235 -0.58 -10.81 20.86
CA GLY B 235 -1.99 -10.44 20.95
C GLY B 235 -2.76 -11.61 21.53
N GLN B 236 -3.94 -11.34 22.06
CA GLN B 236 -4.87 -12.37 22.52
C GLN B 236 -5.97 -12.60 21.48
N ALA B 237 -6.46 -13.85 21.44
CA ALA B 237 -7.54 -14.24 20.55
C ALA B 237 -8.73 -13.28 20.70
N GLU B 238 -8.92 -12.84 21.93
CA GLU B 238 -10.01 -11.95 22.31
C GLU B 238 -9.88 -10.59 21.64
N GLU B 239 -8.64 -10.14 21.48
CA GLU B 239 -8.37 -8.86 20.85
C GLU B 239 -8.71 -8.87 19.34
N ILE B 240 -8.60 -10.05 18.72
CA ILE B 240 -9.05 -10.23 17.36
C ILE B 240 -10.57 -10.22 17.33
N ALA B 241 -11.17 -10.92 18.29
CA ALA B 241 -12.61 -11.01 18.38
C ALA B 241 -13.33 -9.67 18.57
N LYS B 242 -12.71 -8.79 19.36
CA LYS B 242 -13.31 -7.50 19.61
C LYS B 242 -13.41 -6.70 18.32
N VAL B 243 -12.39 -6.80 17.47
CA VAL B 243 -12.36 -6.08 16.19
C VAL B 243 -13.46 -6.64 15.24
N VAL B 244 -13.60 -7.95 15.25
CA VAL B 244 -14.68 -8.57 14.49
C VAL B 244 -16.05 -8.08 14.95
N GLY B 245 -16.25 -8.02 16.26
CA GLY B 245 -17.50 -7.63 16.86
C GLY B 245 -17.84 -6.19 16.50
N PHE B 246 -16.86 -5.30 16.48
CA PHE B 246 -17.06 -3.93 15.92
C PHE B 246 -17.47 -3.92 14.44
N LEU B 247 -16.75 -4.64 13.60
CA LEU B 247 -17.04 -4.69 12.16
C LEU B 247 -18.46 -5.19 11.88
N ALA B 248 -18.89 -6.15 12.70
CA ALA B 248 -20.27 -6.67 12.60
C ALA B 248 -21.41 -5.72 12.95
N SER B 249 -21.12 -4.64 13.65
CA SER B 249 -22.10 -3.73 14.22
C SER B 249 -22.59 -2.68 13.20
N ASP B 250 -23.63 -1.97 13.57
CA ASP B 250 -24.17 -0.93 12.73
C ASP B 250 -23.22 0.25 12.61
N GLY B 251 -22.38 0.45 13.60
CA GLY B 251 -21.43 1.58 13.57
C GLY B 251 -20.32 1.41 12.56
N ALA B 252 -20.10 0.17 12.11
CA ALA B 252 -19.13 -0.09 11.06
C ALA B 252 -19.75 -0.13 9.66
N ALA B 253 -20.94 0.47 9.48
CA ALA B 253 -21.67 0.33 8.22
C ALA B 253 -21.04 1.03 7.03
N TYR B 254 -20.15 2.01 7.26
CA TYR B 254 -19.49 2.67 6.17
C TYR B 254 -18.07 2.15 5.91
N VAL B 255 -17.68 1.10 6.65
CA VAL B 255 -16.41 0.45 6.47
C VAL B 255 -16.64 -0.76 5.58
N THR B 256 -16.10 -0.71 4.37
CA THR B 256 -16.14 -1.90 3.55
C THR B 256 -14.92 -1.93 2.66
N GLY B 257 -14.51 -3.13 2.33
CA GLY B 257 -13.37 -3.32 1.49
C GLY B 257 -12.05 -3.18 2.25
N ALA B 258 -12.12 -3.06 3.57
CA ALA B 258 -10.97 -2.78 4.40
C ALA B 258 -10.40 -4.03 5.00
N THR B 259 -9.09 -4.03 5.20
CA THR B 259 -8.41 -5.02 5.99
C THR B 259 -7.78 -4.30 7.25
N VAL B 260 -8.26 -4.65 8.43
CA VAL B 260 -7.81 -4.11 9.70
C VAL B 260 -6.70 -4.97 10.25
N PRO B 261 -5.48 -4.43 10.29
CA PRO B 261 -4.37 -5.16 10.90
C PRO B 261 -4.46 -5.08 12.45
N VAL B 262 -4.33 -6.24 13.08
CA VAL B 262 -4.36 -6.40 14.49
C VAL B 262 -3.03 -7.09 14.88
N ASN B 263 -1.96 -6.29 14.94
CA ASN B 263 -0.60 -6.88 15.07
C ASN B 263 0.37 -6.21 16.01
N GLY B 264 -0.12 -5.33 16.87
CA GLY B 264 0.72 -4.64 17.80
C GLY B 264 1.80 -3.78 17.19
N GLY B 265 1.60 -3.42 15.96
CA GLY B 265 2.53 -2.52 15.22
C GLY B 265 3.59 -3.26 14.40
N MET B 266 3.50 -4.58 14.38
N MET B 266 3.52 -4.59 14.38
CA MET B 266 4.40 -5.37 13.59
CA MET B 266 4.47 -5.42 13.60
C MET B 266 3.86 -5.60 12.19
C MET B 266 3.89 -5.65 12.19
N TYR B 267 4.41 -4.88 11.23
CA TYR B 267 3.97 -4.93 9.81
C TYR B 267 4.97 -5.61 8.91
N MET B 268 4.49 -6.62 8.21
CA MET B 268 5.33 -7.40 7.35
C MET B 268 4.58 -7.64 6.04
N SER B 269 5.23 -7.34 4.91
CA SER B 269 4.66 -7.54 3.56
C SER B 269 5.64 -8.25 2.61
N HIS C 2 -14.96 40.97 26.96
CA HIS C 2 -14.06 40.37 25.92
C HIS C 2 -14.18 38.82 25.85
N HIS C 3 -13.40 38.25 24.93
CA HIS C 3 -13.39 36.84 24.62
C HIS C 3 -12.93 35.98 25.79
N HIS C 4 -13.76 35.02 26.16
CA HIS C 4 -13.39 33.99 27.10
C HIS C 4 -13.06 32.71 26.32
N HIS C 5 -11.98 32.05 26.70
CA HIS C 5 -11.41 30.99 25.90
C HIS C 5 -11.64 29.58 26.47
N HIS C 6 -12.14 29.52 27.69
CA HIS C 6 -12.29 28.27 28.38
C HIS C 6 -13.76 28.14 28.82
N HIS C 7 -14.48 27.16 28.31
CA HIS C 7 -15.94 27.05 28.66
C HIS C 7 -16.25 25.63 29.12
N SER C 8 -16.71 25.45 30.36
CA SER C 8 -17.11 24.13 30.88
C SER C 8 -18.54 23.76 30.49
N SER C 9 -18.85 22.47 30.41
CA SER C 9 -20.16 22.06 29.86
C SER C 9 -21.32 22.16 30.87
N GLY C 10 -21.00 22.26 32.17
CA GLY C 10 -22.02 22.34 33.22
C GLY C 10 -22.26 20.96 33.80
N VAL C 11 -22.35 19.96 32.91
CA VAL C 11 -22.41 18.56 33.37
C VAL C 11 -21.03 18.19 33.89
N ASN C 17 -29.11 10.54 38.08
CA ASN C 17 -27.93 9.71 38.24
C ASN C 17 -28.03 8.37 37.43
N LEU C 18 -27.99 8.49 36.09
CA LEU C 18 -28.11 7.37 35.17
C LEU C 18 -26.75 6.80 34.89
N TYR C 19 -26.62 5.48 34.83
CA TYR C 19 -25.39 4.82 34.41
C TYR C 19 -25.63 4.11 33.10
N PHE C 20 -25.19 4.74 32.02
CA PHE C 20 -25.47 4.21 30.70
C PHE C 20 -24.55 3.03 30.44
N GLN C 21 -25.13 2.01 29.84
CA GLN C 21 -24.45 0.81 29.50
C GLN C 21 -23.22 1.13 28.62
N SER C 22 -23.36 2.13 27.76
CA SER C 22 -22.30 2.48 26.78
C SER C 22 -21.00 2.98 27.45
N MET C 23 -21.09 3.45 28.68
CA MET C 23 -20.04 4.28 29.28
C MET C 23 -18.88 3.51 29.91
N SER C 24 -17.95 3.09 29.06
CA SER C 24 -16.79 2.28 29.43
C SER C 24 -15.44 3.06 29.61
N LEU C 25 -15.36 4.33 29.20
CA LEU C 25 -14.09 5.08 29.16
C LEU C 25 -13.94 5.67 30.56
N GLN C 26 -14.90 5.39 31.45
CA GLN C 26 -14.79 5.71 32.90
C GLN C 26 -14.27 7.13 33.26
N GLY C 27 -14.78 8.18 32.64
CA GLY C 27 -14.31 9.52 33.02
C GLY C 27 -12.91 9.89 32.52
N LYS C 28 -12.19 8.97 31.82
CA LYS C 28 -10.81 9.22 31.25
C LYS C 28 -10.99 10.45 30.49
N VAL C 29 -9.92 11.17 30.29
CA VAL C 29 -9.98 12.49 29.64
C VAL C 29 -9.60 12.36 28.18
N ALA C 30 -10.41 12.95 27.28
CA ALA C 30 -10.21 12.85 25.84
C ALA C 30 -10.16 14.27 25.29
N LEU C 31 -9.15 14.53 24.46
CA LEU C 31 -8.96 15.81 23.78
C LEU C 31 -9.25 15.59 22.30
N VAL C 32 -10.22 16.31 21.79
CA VAL C 32 -10.64 16.21 20.41
C VAL C 32 -10.48 17.56 19.77
N THR C 33 -9.55 17.68 18.85
CA THR C 33 -9.29 18.97 18.24
C THR C 33 -10.24 19.16 17.11
N GLY C 34 -10.56 20.40 16.81
CA GLY C 34 -11.49 20.72 15.76
C GLY C 34 -12.89 20.15 16.01
N ALA C 35 -13.39 20.32 17.22
CA ALA C 35 -14.65 19.71 17.63
C ALA C 35 -15.91 20.54 17.43
N SER C 36 -15.87 21.69 16.77
CA SER C 36 -17.06 22.53 16.76
C SER C 36 -18.13 22.12 15.73
N ARG C 37 -17.77 21.29 14.74
CA ARG C 37 -18.71 20.88 13.71
C ARG C 37 -18.36 19.54 13.09
N GLY C 38 -19.25 19.05 12.26
CA GLY C 38 -18.98 17.91 11.38
C GLY C 38 -18.44 16.71 12.13
N ILE C 39 -17.34 16.18 11.60
CA ILE C 39 -16.71 14.99 12.14
C ILE C 39 -16.20 15.17 13.56
N GLY C 40 -15.49 16.26 13.81
CA GLY C 40 -14.91 16.55 15.12
C GLY C 40 -15.99 16.53 16.19
N GLN C 41 -17.13 17.14 15.88
CA GLN C 41 -18.22 17.22 16.84
C GLN C 41 -18.81 15.85 17.06
N ALA C 42 -19.01 15.09 15.99
CA ALA C 42 -19.53 13.73 16.19
C ALA C 42 -18.56 12.89 17.02
N ILE C 43 -17.26 13.10 16.81
CA ILE C 43 -16.30 12.32 17.59
C ILE C 43 -16.41 12.72 19.05
N ALA C 44 -16.58 14.01 19.31
CA ALA C 44 -16.65 14.44 20.70
C ALA C 44 -17.88 13.85 21.41
N LEU C 45 -19.01 13.80 20.70
CA LEU C 45 -20.24 13.20 21.26
C LEU C 45 -20.12 11.71 21.48
N GLU C 46 -19.44 11.03 20.57
CA GLU C 46 -19.34 9.58 20.70
C GLU C 46 -18.44 9.26 21.87
N LEU C 47 -17.32 9.97 22.03
CA LEU C 47 -16.50 9.68 23.19
C LEU C 47 -17.24 10.01 24.48
N GLY C 48 -18.00 11.08 24.47
CA GLY C 48 -18.89 11.37 25.59
C GLY C 48 -19.88 10.20 25.86
N ARG C 49 -20.51 9.71 24.82
CA ARG C 49 -21.41 8.55 24.94
C ARG C 49 -20.71 7.36 25.56
N LEU C 50 -19.41 7.22 25.31
CA LEU C 50 -18.68 6.09 25.85
C LEU C 50 -18.08 6.36 27.24
N GLY C 51 -18.39 7.51 27.80
CA GLY C 51 -18.03 7.75 29.19
C GLY C 51 -16.79 8.63 29.42
N ALA C 52 -16.20 9.22 28.37
CA ALA C 52 -15.05 10.11 28.58
C ALA C 52 -15.50 11.48 29.07
N VAL C 53 -14.62 12.14 29.80
CA VAL C 53 -14.67 13.61 29.95
C VAL C 53 -14.04 14.19 28.70
N VAL C 54 -14.78 15.01 27.97
CA VAL C 54 -14.34 15.44 26.67
C VAL C 54 -13.98 16.91 26.60
N ILE C 55 -12.73 17.20 26.19
CA ILE C 55 -12.31 18.55 25.85
C ILE C 55 -12.26 18.67 24.35
N GLY C 56 -13.14 19.46 23.79
CA GLY C 56 -13.16 19.75 22.35
C GLY C 56 -12.51 21.10 22.17
N THR C 57 -11.80 21.31 21.07
CA THR C 57 -11.14 22.56 20.81
C THR C 57 -11.51 23.14 19.47
N ALA C 58 -11.40 24.46 19.39
CA ALA C 58 -11.63 25.22 18.23
C ALA C 58 -10.60 26.35 18.24
N THR C 59 -10.43 27.00 17.13
CA THR C 59 -9.40 28.07 17.03
C THR C 59 -9.95 29.41 17.43
N SER C 60 -11.24 29.49 17.69
CA SER C 60 -11.85 30.76 18.16
C SER C 60 -12.63 30.58 19.46
N ALA C 61 -12.77 31.67 20.20
CA ALA C 61 -13.57 31.66 21.41
C ALA C 61 -15.03 31.28 21.16
N SER C 62 -15.58 31.69 20.01
CA SER C 62 -16.98 31.38 19.71
C SER C 62 -17.14 29.87 19.40
N GLY C 63 -16.16 29.28 18.69
CA GLY C 63 -16.14 27.84 18.50
C GLY C 63 -16.08 27.10 19.82
N ALA C 64 -15.21 27.55 20.73
CA ALA C 64 -15.07 26.92 22.07
C ALA C 64 -16.40 26.96 22.86
N GLU C 65 -17.05 28.10 22.85
CA GLU C 65 -18.36 28.21 23.44
C GLU C 65 -19.43 27.29 22.80
N LYS C 66 -19.52 27.28 21.47
CA LYS C 66 -20.36 26.32 20.78
C LYS C 66 -20.10 24.86 21.17
N ILE C 67 -18.83 24.46 21.30
CA ILE C 67 -18.49 23.13 21.79
C ILE C 67 -19.05 22.88 23.19
N ALA C 68 -18.84 23.84 24.12
CA ALA C 68 -19.37 23.69 25.49
C ALA C 68 -20.91 23.52 25.49
N GLU C 69 -21.60 24.32 24.70
CA GLU C 69 -23.06 24.20 24.57
C GLU C 69 -23.48 22.84 24.03
N THR C 70 -22.81 22.39 22.96
CA THR C 70 -23.10 21.07 22.41
C THR C 70 -22.89 19.99 23.46
N LEU C 71 -21.77 20.03 24.16
CA LEU C 71 -21.53 19.04 25.23
C LEU C 71 -22.65 19.05 26.28
N LYS C 72 -22.99 20.25 26.74
CA LYS C 72 -23.99 20.39 27.78
C LYS C 72 -25.32 19.80 27.33
N ALA C 73 -25.76 20.19 26.14
CA ALA C 73 -27.01 19.73 25.55
C ALA C 73 -27.10 18.20 25.38
N ASN C 74 -25.97 17.49 25.38
CA ASN C 74 -25.96 16.03 25.27
C ASN C 74 -25.55 15.37 26.56
N GLY C 75 -25.41 16.14 27.62
CA GLY C 75 -25.11 15.58 28.92
C GLY C 75 -23.71 15.06 29.05
N VAL C 76 -22.77 15.65 28.31
CA VAL C 76 -21.38 15.20 28.36
C VAL C 76 -20.58 16.17 29.23
N GLU C 77 -19.83 15.61 30.17
CA GLU C 77 -18.93 16.32 31.00
C GLU C 77 -17.65 16.74 30.24
N GLY C 78 -17.19 17.99 30.37
CA GLY C 78 -15.98 18.44 29.75
C GLY C 78 -15.99 19.91 29.45
N ALA C 79 -15.36 20.31 28.36
CA ALA C 79 -15.14 21.74 28.10
C ALA C 79 -14.88 21.96 26.65
N GLY C 80 -15.13 23.18 26.22
CA GLY C 80 -14.64 23.70 24.96
C GLY C 80 -13.52 24.69 25.22
N LEU C 81 -12.38 24.53 24.55
CA LEU C 81 -11.19 25.40 24.73
C LEU C 81 -10.70 25.93 23.37
N VAL C 82 -9.94 27.01 23.40
CA VAL C 82 -9.27 27.50 22.24
C VAL C 82 -7.90 26.84 22.12
N LEU C 83 -7.57 26.31 20.94
CA LEU C 83 -6.27 25.72 20.67
C LEU C 83 -5.88 25.90 19.22
N ASP C 84 -4.64 26.30 19.02
CA ASP C 84 -4.06 26.42 17.70
C ASP C 84 -2.91 25.41 17.61
N VAL C 85 -3.14 24.31 16.89
CA VAL C 85 -2.19 23.19 16.81
C VAL C 85 -0.93 23.55 16.01
N SER C 86 -0.97 24.68 15.29
CA SER C 86 0.20 25.14 14.56
C SER C 86 1.16 25.92 15.42
N SER C 87 0.79 26.17 16.69
CA SER C 87 1.61 26.99 17.57
C SER C 87 2.10 26.22 18.79
N ASP C 88 3.43 26.16 18.98
CA ASP C 88 4.02 25.51 20.17
C ASP C 88 3.53 26.12 21.46
N GLU C 89 3.38 27.44 21.45
CA GLU C 89 2.91 28.15 22.62
C GLU C 89 1.46 27.82 22.95
N SER C 90 0.59 27.84 21.96
CA SER C 90 -0.80 27.48 22.21
C SER C 90 -0.90 26.02 22.76
N VAL C 91 -0.17 25.11 22.14
CA VAL C 91 -0.18 23.71 22.56
C VAL C 91 0.34 23.51 23.97
N ALA C 92 1.51 24.09 24.31
CA ALA C 92 2.03 23.96 25.70
C ALA C 92 1.11 24.60 26.72
N ALA C 93 0.63 25.80 26.44
CA ALA C 93 -0.26 26.51 27.37
C ALA C 93 -1.57 25.77 27.56
N THR C 94 -2.18 25.34 26.46
CA THR C 94 -3.49 24.67 26.57
C THR C 94 -3.39 23.34 27.33
N LEU C 95 -2.34 22.58 27.08
CA LEU C 95 -2.20 21.29 27.75
CA LEU C 95 -2.18 21.27 27.76
C LEU C 95 -1.94 21.46 29.23
N GLU C 96 -1.18 22.50 29.55
CA GLU C 96 -0.90 22.81 30.98
C GLU C 96 -2.18 23.17 31.67
N HIS C 97 -2.96 24.03 31.05
CA HIS C 97 -4.30 24.32 31.54
C HIS C 97 -5.22 23.12 31.72
N ILE C 98 -5.24 22.21 30.74
CA ILE C 98 -6.05 21.00 30.87
C ILE C 98 -5.58 20.14 32.04
N GLN C 99 -4.27 19.98 32.20
CA GLN C 99 -3.71 19.19 33.29
C GLN C 99 -4.11 19.77 34.62
N GLN C 100 -4.10 21.09 34.73
CA GLN C 100 -4.43 21.74 36.00
C GLN C 100 -5.89 21.59 36.33
N HIS C 101 -6.77 21.77 35.35
CA HIS C 101 -8.19 21.91 35.64
C HIS C 101 -9.03 20.65 35.39
N LEU C 102 -8.58 19.72 34.55
CA LEU C 102 -9.37 18.53 34.19
C LEU C 102 -8.60 17.22 34.24
N GLY C 103 -7.30 17.23 34.06
CA GLY C 103 -6.47 16.00 34.16
C GLY C 103 -5.74 15.77 32.83
N GLN C 104 -4.85 14.76 32.80
CA GLN C 104 -4.08 14.41 31.64
C GLN C 104 -4.93 13.77 30.59
N PRO C 105 -4.93 14.29 29.37
CA PRO C 105 -5.71 13.56 28.29
C PRO C 105 -5.02 12.29 27.87
N LEU C 106 -5.66 11.14 28.06
CA LEU C 106 -5.07 9.87 27.63
C LEU C 106 -5.63 9.37 26.27
N ILE C 107 -6.66 10.02 25.78
CA ILE C 107 -7.18 9.83 24.42
C ILE C 107 -7.10 11.16 23.72
N VAL C 108 -6.41 11.18 22.59
CA VAL C 108 -6.26 12.39 21.84
C VAL C 108 -6.59 12.12 20.39
N VAL C 109 -7.49 12.91 19.87
CA VAL C 109 -7.96 12.79 18.54
C VAL C 109 -7.60 14.02 17.75
N ASN C 110 -6.74 13.85 16.74
CA ASN C 110 -6.28 14.99 15.94
C ASN C 110 -7.17 15.13 14.72
N ASN C 111 -8.03 16.13 14.72
CA ASN C 111 -8.95 16.34 13.65
C ASN C 111 -8.83 17.74 13.06
N ALA C 112 -8.13 18.64 13.76
CA ALA C 112 -7.74 19.97 13.22
C ALA C 112 -6.48 19.94 12.33
N GLY C 113 -6.62 20.37 11.07
CA GLY C 113 -5.51 20.40 10.12
C GLY C 113 -5.62 21.50 9.09
N ASP C 126 1.60 23.09 -6.17
CA ASP C 126 2.37 23.74 -5.11
C ASP C 126 1.66 23.78 -3.77
N GLU C 127 0.40 23.41 -3.76
CA GLU C 127 -0.35 23.47 -2.54
C GLU C 127 -0.13 22.18 -1.76
N TRP C 128 0.01 21.03 -2.43
CA TRP C 128 -0.06 19.76 -1.71
C TRP C 128 1.09 19.69 -0.72
N PHE C 129 2.27 20.21 -1.10
CA PHE C 129 3.45 20.00 -0.26
C PHE C 129 3.31 20.74 1.08
N ASP C 130 2.96 22.03 1.02
CA ASP C 130 2.80 22.82 2.21
C ASP C 130 1.64 22.33 3.06
N VAL C 131 0.54 21.90 2.44
CA VAL C 131 -0.57 21.32 3.21
C VAL C 131 -0.17 20.06 3.99
N VAL C 132 0.44 19.08 3.33
CA VAL C 132 0.84 17.86 4.01
C VAL C 132 1.87 18.18 5.08
N ASN C 133 2.83 19.02 4.74
CA ASN C 133 3.89 19.35 5.68
C ASN C 133 3.36 19.96 6.97
N THR C 134 2.48 20.94 6.80
CA THR C 134 1.83 21.58 7.94
C THR C 134 1.01 20.63 8.78
N ASN C 135 0.19 19.82 8.12
CA ASN C 135 -0.61 18.84 8.83
CA ASN C 135 -0.64 18.83 8.81
C ASN C 135 0.20 17.86 9.66
N LEU C 136 1.28 17.33 9.08
CA LEU C 136 2.10 16.40 9.81
C LEU C 136 2.86 17.07 10.90
N ASN C 137 3.31 18.27 10.68
CA ASN C 137 3.97 19.01 11.75
C ASN C 137 3.03 19.24 12.92
N SER C 138 1.76 19.50 12.66
CA SER C 138 0.75 19.69 13.74
C SER C 138 0.46 18.41 14.47
N LEU C 139 0.26 17.32 13.72
CA LEU C 139 0.09 16.05 14.36
C LEU C 139 1.28 15.75 15.28
N TYR C 140 2.50 15.97 14.78
CA TYR C 140 3.67 15.68 15.54
C TYR C 140 3.75 16.52 16.81
N ARG C 141 3.48 17.81 16.68
CA ARG C 141 3.60 18.74 17.79
C ARG C 141 2.63 18.31 18.89
N LEU C 142 1.36 18.10 18.56
CA LEU C 142 0.42 17.76 19.58
C LEU C 142 0.73 16.40 20.16
N SER C 143 1.04 15.43 19.30
CA SER C 143 1.33 14.08 19.76
C SER C 143 2.49 14.06 20.76
N LYS C 144 3.60 14.70 20.41
CA LYS C 144 4.72 14.76 21.31
C LYS C 144 4.38 15.40 22.65
N ALA C 145 3.58 16.45 22.61
CA ALA C 145 3.19 17.12 23.84
C ALA C 145 2.38 16.21 24.77
N VAL C 146 1.49 15.40 24.23
CA VAL C 146 0.58 14.62 25.12
C VAL C 146 1.25 13.36 25.59
N LEU C 147 2.34 12.99 24.94
CA LEU C 147 2.96 11.67 25.24
C LEU C 147 3.52 11.51 26.66
N ARG C 148 3.93 12.61 27.29
CA ARG C 148 4.48 12.52 28.64
C ARG C 148 3.45 11.95 29.60
N GLY C 149 2.24 12.49 29.56
CA GLY C 149 1.16 12.01 30.41
C GLY C 149 0.76 10.59 30.13
N MET C 150 0.73 10.22 28.84
CA MET C 150 0.39 8.82 28.50
C MET C 150 1.49 7.86 28.97
N THR C 151 2.72 8.30 28.86
CA THR C 151 3.84 7.48 29.26
C THR C 151 3.72 7.22 30.77
N LYS C 152 3.38 8.25 31.54
CA LYS C 152 3.23 8.12 33.00
C LYS C 152 2.12 7.16 33.31
N ALA C 153 0.98 7.32 32.64
CA ALA C 153 -0.14 6.41 32.86
C ALA C 153 0.07 5.01 32.29
N ARG C 154 1.13 4.78 31.52
CA ARG C 154 1.33 3.54 30.74
C ARG C 154 0.07 3.14 29.99
N TRP C 155 -0.57 4.12 29.34
CA TRP C 155 -1.73 3.85 28.55
C TRP C 155 -2.02 5.10 27.70
N GLY C 156 -2.32 4.91 26.44
CA GLY C 156 -2.83 6.02 25.66
C GLY C 156 -3.46 5.62 24.34
N ARG C 157 -4.20 6.56 23.76
CA ARG C 157 -4.75 6.42 22.43
C ARG C 157 -4.57 7.70 21.67
N ILE C 158 -3.81 7.62 20.56
CA ILE C 158 -3.73 8.73 19.65
C ILE C 158 -4.40 8.27 18.37
N ILE C 159 -5.34 9.07 17.90
CA ILE C 159 -6.08 8.78 16.70
C ILE C 159 -6.07 10.00 15.78
N ASN C 160 -5.61 9.80 14.54
CA ASN C 160 -5.47 10.88 13.57
C ASN C 160 -6.54 10.78 12.51
N ILE C 161 -7.24 11.89 12.20
CA ILE C 161 -8.32 11.83 11.27
C ILE C 161 -7.86 12.42 9.96
N GLY C 162 -7.98 11.66 8.87
CA GLY C 162 -7.56 12.09 7.56
C GLY C 162 -8.56 13.06 7.01
N SER C 163 -8.24 13.67 5.91
CA SER C 163 -9.17 14.59 5.31
C SER C 163 -10.12 13.86 4.39
N VAL C 164 -11.31 14.40 4.30
CA VAL C 164 -12.30 13.89 3.40
C VAL C 164 -11.87 14.18 1.97
N VAL C 165 -12.45 13.49 1.02
CA VAL C 165 -12.23 13.84 -0.38
C VAL C 165 -12.72 15.28 -0.57
N GLY C 166 -11.78 16.20 -0.82
CA GLY C 166 -12.02 17.65 -0.76
C GLY C 166 -12.61 18.25 -2.03
N ALA C 167 -12.24 17.72 -3.19
CA ALA C 167 -12.60 18.33 -4.46
C ALA C 167 -12.58 17.27 -5.58
N MET C 168 -13.23 17.61 -6.68
CA MET C 168 -13.58 16.63 -7.72
C MET C 168 -12.43 16.30 -8.72
N GLY C 169 -11.57 17.25 -9.03
CA GLY C 169 -10.64 17.09 -10.17
C GLY C 169 -9.27 16.51 -9.85
N ASN C 170 -8.30 16.81 -10.71
CA ASN C 170 -6.93 16.30 -10.57
C ASN C 170 -6.20 16.86 -9.36
N ALA C 171 -6.38 18.16 -9.11
CA ALA C 171 -5.75 18.80 -7.97
C ALA C 171 -6.28 18.20 -6.66
N GLY C 172 -7.59 17.95 -6.61
CA GLY C 172 -8.21 17.36 -5.44
C GLY C 172 -7.73 15.96 -5.18
N GLN C 173 -7.54 15.20 -6.25
CA GLN C 173 -7.08 13.83 -6.18
C GLN C 173 -5.60 13.78 -5.72
N THR C 174 -4.76 14.68 -6.25
CA THR C 174 -3.35 14.82 -5.87
C THR C 174 -3.19 15.15 -4.38
N ASN C 175 -3.95 16.15 -3.92
CA ASN C 175 -3.93 16.57 -2.50
C ASN C 175 -4.45 15.49 -1.58
N TYR C 176 -5.56 14.85 -1.96
CA TYR C 176 -6.12 13.77 -1.17
C TYR C 176 -5.16 12.58 -1.05
N ALA C 177 -4.60 12.13 -2.17
CA ALA C 177 -3.71 10.98 -2.16
C ALA C 177 -2.44 11.29 -1.40
N ALA C 178 -1.95 12.53 -1.52
CA ALA C 178 -0.69 12.92 -0.84
C ALA C 178 -0.88 12.99 0.67
N ALA C 179 -1.99 13.60 1.08
CA ALA C 179 -2.31 13.74 2.52
C ALA C 179 -2.57 12.37 3.06
N LYS C 180 -3.20 11.49 2.29
CA LYS C 180 -3.47 10.17 2.83
C LYS C 180 -2.17 9.35 3.02
N ALA C 181 -1.29 9.43 2.04
CA ALA C 181 -0.03 8.67 2.09
C ALA C 181 0.84 9.20 3.22
N GLY C 182 0.93 10.50 3.38
CA GLY C 182 1.60 11.08 4.56
C GLY C 182 1.05 10.62 5.90
N LEU C 183 -0.27 10.69 6.05
CA LEU C 183 -0.94 10.26 7.27
C LEU C 183 -0.65 8.81 7.57
N GLU C 184 -0.74 7.93 6.57
CA GLU C 184 -0.49 6.49 6.83
C GLU C 184 0.91 6.21 7.26
N GLY C 185 1.88 6.80 6.55
CA GLY C 185 3.30 6.55 6.85
C GLY C 185 3.67 7.16 8.21
N PHE C 186 3.16 8.35 8.49
CA PHE C 186 3.41 9.01 9.76
C PHE C 186 2.88 8.19 10.92
N THR C 187 1.63 7.74 10.76
CA THR C 187 0.90 6.98 11.79
C THR C 187 1.63 5.69 12.12
N ARG C 188 2.10 5.03 11.10
CA ARG C 188 2.80 3.80 11.33
C ARG C 188 4.14 4.02 12.07
N ALA C 189 4.86 5.08 11.66
CA ALA C 189 6.13 5.41 12.26
C ALA C 189 6.00 5.84 13.73
N LEU C 190 5.03 6.71 14.01
CA LEU C 190 4.80 7.09 15.40
C LEU C 190 4.36 5.97 16.29
N ALA C 191 3.50 5.07 15.77
CA ALA C 191 3.15 3.87 16.47
C ALA C 191 4.33 3.03 16.86
N ARG C 192 5.27 2.85 15.96
CA ARG C 192 6.53 2.11 16.26
C ARG C 192 7.32 2.81 17.32
N GLU C 193 7.36 4.14 17.26
CA GLU C 193 8.12 4.91 18.24
C GLU C 193 7.57 4.83 19.68
N VAL C 194 6.25 4.80 19.87
CA VAL C 194 5.64 4.90 21.23
C VAL C 194 5.00 3.59 21.73
N GLY C 195 5.09 2.52 20.96
CA GLY C 195 4.38 1.29 21.32
C GLY C 195 4.84 0.64 22.61
N SER C 196 6.13 0.66 22.91
CA SER C 196 6.59 -0.08 24.09
C SER C 196 5.94 0.48 25.38
N ARG C 197 5.42 1.71 25.29
CA ARG C 197 4.61 2.28 26.37
C ARG C 197 3.10 1.99 26.44
N ALA C 198 2.61 1.00 25.70
CA ALA C 198 1.17 0.70 25.66
C ALA C 198 0.31 1.92 25.25
N ILE C 199 0.90 2.73 24.38
CA ILE C 199 0.17 3.79 23.66
C ILE C 199 -0.03 3.35 22.21
N THR C 200 -1.28 3.28 21.77
CA THR C 200 -1.56 3.01 20.35
C THR C 200 -1.74 4.31 19.57
N VAL C 201 -1.36 4.25 18.30
CA VAL C 201 -1.46 5.32 17.35
C VAL C 201 -2.06 4.76 16.07
N ASN C 202 -3.25 5.23 15.73
CA ASN C 202 -3.98 4.83 14.55
C ASN C 202 -4.55 6.03 13.80
N ALA C 203 -4.98 5.81 12.56
CA ALA C 203 -5.61 6.84 11.76
C ALA C 203 -6.92 6.33 11.21
N VAL C 204 -7.80 7.26 10.90
CA VAL C 204 -9.06 6.93 10.22
C VAL C 204 -9.10 7.78 9.00
N ALA C 205 -9.26 7.15 7.85
CA ALA C 205 -9.23 7.86 6.57
C ALA C 205 -10.62 7.90 5.96
N PRO C 206 -11.31 9.04 6.07
CA PRO C 206 -12.64 9.04 5.51
C PRO C 206 -12.62 9.13 4.02
N GLY C 207 -13.74 8.73 3.43
CA GLY C 207 -13.97 8.96 2.01
C GLY C 207 -14.81 10.22 1.84
N PHE C 208 -15.93 10.08 1.13
CA PHE C 208 -16.89 11.16 0.98
C PHE C 208 -17.89 11.14 2.11
N ILE C 209 -17.90 12.21 2.90
CA ILE C 209 -18.78 12.31 4.04
C ILE C 209 -19.81 13.43 3.85
N ASP C 210 -21.01 13.18 4.36
CA ASP C 210 -22.13 14.12 4.28
C ASP C 210 -21.88 15.26 5.24
N THR C 211 -21.51 16.39 4.66
CA THR C 211 -21.12 17.56 5.41
C THR C 211 -22.01 18.66 4.90
N ASP C 212 -21.77 19.86 5.38
CA ASP C 212 -22.44 21.01 4.79
C ASP C 212 -22.09 21.25 3.32
N MET C 213 -20.85 21.03 2.94
CA MET C 213 -20.42 21.18 1.56
C MET C 213 -21.19 20.25 0.61
N THR C 214 -21.24 18.96 0.91
CA THR C 214 -21.76 17.97 -0.03
C THR C 214 -23.28 18.02 -0.12
N ARG C 215 -23.92 18.39 0.99
CA ARG C 215 -25.38 18.49 1.05
C ARG C 215 -26.01 19.30 -0.08
N GLU C 216 -25.26 20.24 -0.65
CA GLU C 216 -25.83 21.23 -1.59
C GLU C 216 -25.28 21.22 -3.00
N LEU C 217 -24.62 20.13 -3.38
CA LEU C 217 -24.19 20.00 -4.78
C LEU C 217 -25.36 19.72 -5.73
N PRO C 218 -25.30 20.25 -6.97
CA PRO C 218 -26.29 19.88 -7.98
C PRO C 218 -26.46 18.37 -8.08
N GLU C 219 -27.70 17.93 -8.27
CA GLU C 219 -28.05 16.52 -8.26
C GLU C 219 -27.26 15.67 -9.26
N ALA C 220 -26.98 16.22 -10.44
CA ALA C 220 -26.20 15.50 -11.46
C ALA C 220 -24.76 15.27 -11.03
N GLN C 221 -24.15 16.27 -10.39
CA GLN C 221 -22.83 16.07 -9.77
C GLN C 221 -22.80 15.12 -8.60
N ARG C 222 -23.86 15.11 -7.79
CA ARG C 222 -23.97 14.21 -6.64
C ARG C 222 -24.14 12.78 -7.14
N GLU C 223 -24.96 12.58 -8.17
CA GLU C 223 -25.18 11.28 -8.77
C GLU C 223 -23.89 10.65 -9.27
N ALA C 224 -23.04 11.44 -9.90
CA ALA C 224 -21.77 10.98 -10.45
C ALA C 224 -20.76 10.62 -9.36
N LEU C 225 -20.79 11.42 -8.30
CA LEU C 225 -20.01 11.13 -7.12
C LEU C 225 -20.40 9.77 -6.49
N LEU C 226 -21.68 9.61 -6.25
CA LEU C 226 -22.23 8.40 -5.68
C LEU C 226 -21.93 7.19 -6.53
N GLY C 227 -21.80 7.37 -7.84
CA GLY C 227 -21.43 6.28 -8.75
C GLY C 227 -20.03 5.70 -8.50
N GLN C 228 -19.15 6.43 -7.86
CA GLN C 228 -17.83 5.92 -7.53
C GLN C 228 -17.79 5.23 -6.15
N ILE C 229 -18.90 5.23 -5.43
CA ILE C 229 -18.94 4.63 -4.11
C ILE C 229 -19.80 3.34 -4.14
N PRO C 230 -19.15 2.16 -4.00
CA PRO C 230 -19.95 0.93 -3.98
C PRO C 230 -21.23 0.93 -3.07
N LEU C 231 -21.16 1.50 -1.87
CA LEU C 231 -22.33 1.54 -1.01
C LEU C 231 -23.42 2.49 -1.53
N GLY C 232 -23.10 3.35 -2.46
CA GLY C 232 -24.11 4.15 -3.16
C GLY C 232 -24.59 5.34 -2.38
N ARG C 233 -23.85 5.73 -1.34
CA ARG C 233 -24.30 6.82 -0.45
C ARG C 233 -23.06 7.48 0.21
N LEU C 234 -23.27 8.70 0.68
CA LEU C 234 -22.31 9.41 1.49
C LEU C 234 -22.26 8.82 2.88
N GLY C 235 -21.10 8.91 3.51
CA GLY C 235 -20.97 8.46 4.88
C GLY C 235 -21.48 9.53 5.79
N GLN C 236 -21.89 9.13 6.98
CA GLN C 236 -22.27 10.09 8.03
C GLN C 236 -21.11 10.35 8.96
N ALA C 237 -21.06 11.56 9.48
CA ALA C 237 -20.05 11.95 10.47
C ALA C 237 -20.02 10.96 11.63
N GLU C 238 -21.17 10.49 12.00
CA GLU C 238 -21.36 9.53 13.09
C GLU C 238 -20.67 8.19 12.78
N GLU C 239 -20.66 7.80 11.52
CA GLU C 239 -20.03 6.56 11.10
C GLU C 239 -18.49 6.65 11.20
N ILE C 240 -17.94 7.86 11.06
CA ILE C 240 -16.53 8.07 11.37
C ILE C 240 -16.29 8.01 12.84
N ALA C 241 -17.17 8.66 13.60
CA ALA C 241 -17.03 8.74 15.06
C ALA C 241 -17.05 7.37 15.70
N LYS C 242 -17.91 6.49 15.19
CA LYS C 242 -18.01 5.16 15.76
C LYS C 242 -16.71 4.41 15.67
N VAL C 243 -16.03 4.54 14.55
CA VAL C 243 -14.73 3.88 14.34
C VAL C 243 -13.70 4.45 15.33
N VAL C 244 -13.68 5.77 15.46
CA VAL C 244 -12.81 6.42 16.43
C VAL C 244 -13.06 5.93 17.85
N GLY C 245 -14.32 5.81 18.20
CA GLY C 245 -14.67 5.29 19.47
C GLY C 245 -14.22 3.89 19.71
N PHE C 246 -14.40 3.02 18.75
CA PHE C 246 -13.83 1.65 18.87
C PHE C 246 -12.28 1.68 19.09
N LEU C 247 -11.57 2.42 18.26
CA LEU C 247 -10.09 2.53 18.39
C LEU C 247 -9.68 3.01 19.78
N ALA C 248 -10.47 3.91 20.35
CA ALA C 248 -10.21 4.42 21.72
C ALA C 248 -10.43 3.41 22.87
N SER C 249 -11.08 2.29 22.61
CA SER C 249 -11.50 1.37 23.64
C SER C 249 -10.40 0.31 23.95
N ASP C 250 -10.63 -0.45 24.99
CA ASP C 250 -9.68 -1.48 25.42
C ASP C 250 -9.64 -2.62 24.45
N GLY C 251 -10.72 -2.79 23.70
CA GLY C 251 -10.75 -3.88 22.72
C GLY C 251 -9.87 -3.65 21.51
N ALA C 252 -9.48 -2.40 21.27
CA ALA C 252 -8.59 -2.08 20.17
C ALA C 252 -7.13 -2.01 20.62
N ALA C 253 -6.79 -2.60 21.77
CA ALA C 253 -5.48 -2.43 22.34
C ALA C 253 -4.36 -3.03 21.51
N TYR C 254 -4.67 -4.05 20.72
CA TYR C 254 -3.59 -4.65 19.88
C TYR C 254 -3.57 -4.08 18.45
N VAL C 255 -4.44 -3.10 18.18
CA VAL C 255 -4.44 -2.36 16.91
C VAL C 255 -3.55 -1.13 17.06
N THR C 256 -2.42 -1.10 16.36
CA THR C 256 -1.65 0.11 16.35
C THR C 256 -0.92 0.22 15.04
N GLY C 257 -0.68 1.46 14.64
CA GLY C 257 -0.01 1.71 13.35
C GLY C 257 -0.93 1.62 12.13
N ALA C 258 -2.23 1.43 12.36
CA ALA C 258 -3.17 1.11 11.34
C ALA C 258 -3.89 2.35 10.86
N THR C 259 -4.21 2.38 9.58
CA THR C 259 -5.12 3.37 9.03
C THR C 259 -6.39 2.63 8.57
N VAL C 260 -7.52 2.92 9.23
CA VAL C 260 -8.83 2.32 8.89
C VAL C 260 -9.53 3.23 7.89
N PRO C 261 -9.71 2.76 6.67
CA PRO C 261 -10.52 3.48 5.72
C PRO C 261 -12.00 3.33 5.97
N VAL C 262 -12.72 4.45 5.87
CA VAL C 262 -14.15 4.52 6.15
C VAL C 262 -14.74 5.30 4.98
N ASN C 263 -14.95 4.58 3.88
CA ASN C 263 -15.21 5.24 2.60
C ASN C 263 -16.24 4.58 1.71
N GLY C 264 -16.99 3.63 2.25
CA GLY C 264 -18.02 2.97 1.51
C GLY C 264 -17.52 2.15 0.34
N GLY C 265 -16.25 1.79 0.39
CA GLY C 265 -15.63 0.99 -0.70
C GLY C 265 -15.01 1.82 -1.82
N MET C 266 -15.02 3.14 -1.70
CA MET C 266 -14.39 4.01 -2.66
CA MET C 266 -14.39 4.02 -2.67
C MET C 266 -12.92 4.21 -2.28
N TYR C 267 -12.01 3.56 -3.02
CA TYR C 267 -10.56 3.65 -2.77
C TYR C 267 -9.84 4.44 -3.88
N MET C 268 -9.21 5.53 -3.48
CA MET C 268 -8.48 6.38 -4.40
C MET C 268 -7.06 6.53 -3.91
N SER C 269 -6.12 6.38 -4.84
CA SER C 269 -4.68 6.53 -4.57
C SER C 269 -4.06 7.39 -5.68
N LEU D 18 22.30 15.00 -36.51
CA LEU D 18 21.07 14.61 -35.75
C LEU D 18 21.11 13.13 -35.44
N TYR D 19 21.40 12.79 -34.18
CA TYR D 19 21.37 11.40 -33.70
C TYR D 19 20.06 11.02 -33.03
N PHE D 20 19.82 9.72 -33.01
CA PHE D 20 18.63 9.16 -32.39
C PHE D 20 18.84 7.68 -32.02
N GLN D 21 19.23 7.48 -30.77
CA GLN D 21 19.57 6.19 -30.28
C GLN D 21 18.81 5.87 -28.98
N SER D 22 18.52 4.58 -28.79
CA SER D 22 18.09 4.07 -27.48
C SER D 22 19.14 4.31 -26.41
N MET D 23 18.64 4.71 -25.24
CA MET D 23 19.42 4.98 -24.03
C MET D 23 20.30 6.21 -24.00
N SER D 24 20.47 6.90 -25.12
CA SER D 24 21.47 7.98 -25.18
C SER D 24 20.98 9.23 -24.56
N LEU D 25 21.91 9.87 -23.85
CA LEU D 25 21.65 11.12 -23.18
C LEU D 25 22.48 12.23 -23.74
N GLN D 26 23.04 11.98 -24.93
CA GLN D 26 23.83 12.95 -25.62
C GLN D 26 23.00 14.22 -25.73
N GLY D 27 23.64 15.33 -25.51
CA GLY D 27 22.98 16.62 -25.59
C GLY D 27 22.29 17.06 -24.32
N LYS D 28 22.18 16.18 -23.32
CA LYS D 28 21.52 16.56 -22.05
C LYS D 28 22.51 16.97 -20.98
N VAL D 29 22.08 17.89 -20.14
CA VAL D 29 22.80 18.22 -18.93
C VAL D 29 22.10 17.59 -17.73
N ALA D 30 22.87 16.87 -16.92
CA ALA D 30 22.37 16.18 -15.75
C ALA D 30 23.01 16.74 -14.47
N LEU D 31 22.20 16.96 -13.44
CA LEU D 31 22.67 17.38 -12.10
C LEU D 31 22.44 16.22 -11.13
N VAL D 32 23.49 15.73 -10.52
CA VAL D 32 23.43 14.66 -9.59
C VAL D 32 23.93 15.14 -8.24
N THR D 33 23.03 15.30 -7.28
CA THR D 33 23.42 15.80 -5.94
C THR D 33 23.99 14.64 -5.13
N GLY D 34 24.90 14.98 -4.22
CA GLY D 34 25.60 13.97 -3.42
C GLY D 34 26.41 12.99 -4.25
N ALA D 35 27.19 13.48 -5.20
CA ALA D 35 27.90 12.65 -6.16
C ALA D 35 29.34 12.27 -5.80
N SER D 36 29.82 12.55 -4.60
CA SER D 36 31.26 12.30 -4.32
C SER D 36 31.64 10.83 -3.99
N ARG D 37 30.66 10.00 -3.68
CA ARG D 37 30.95 8.60 -3.33
C ARG D 37 29.73 7.71 -3.57
N GLY D 38 29.96 6.42 -3.44
CA GLY D 38 28.90 5.43 -3.34
C GLY D 38 27.90 5.53 -4.48
N ILE D 39 26.63 5.58 -4.12
CA ILE D 39 25.56 5.58 -5.09
C ILE D 39 25.57 6.80 -6.00
N GLY D 40 25.76 7.97 -5.40
CA GLY D 40 25.78 9.21 -6.13
C GLY D 40 26.86 9.22 -7.21
N GLN D 41 28.04 8.74 -6.85
CA GLN D 41 29.16 8.70 -7.80
C GLN D 41 28.91 7.70 -8.87
N ALA D 42 28.38 6.53 -8.53
CA ALA D 42 28.02 5.55 -9.57
C ALA D 42 26.96 6.11 -10.51
N ILE D 43 26.00 6.85 -9.97
CA ILE D 43 24.96 7.46 -10.83
C ILE D 43 25.61 8.45 -11.80
N ALA D 44 26.51 9.28 -11.26
CA ALA D 44 27.18 10.29 -12.08
C ALA D 44 27.96 9.67 -13.24
N LEU D 45 28.66 8.57 -12.97
CA LEU D 45 29.40 7.88 -13.99
C LEU D 45 28.50 7.20 -15.01
N GLU D 46 27.38 6.65 -14.57
CA GLU D 46 26.46 6.00 -15.49
C GLU D 46 25.84 7.04 -16.43
N LEU D 47 25.35 8.18 -15.91
CA LEU D 47 24.81 9.16 -16.83
C LEU D 47 25.89 9.68 -17.79
N GLY D 48 27.11 9.85 -17.28
CA GLY D 48 28.24 10.19 -18.16
C GLY D 48 28.48 9.14 -19.24
N ARG D 49 28.49 7.88 -18.83
CA ARG D 49 28.63 6.78 -19.79
C ARG D 49 27.59 6.88 -20.91
N LEU D 50 26.37 7.31 -20.58
CA LEU D 50 25.29 7.38 -21.56
C LEU D 50 25.31 8.69 -22.39
N GLY D 51 26.26 9.56 -22.12
CA GLY D 51 26.49 10.72 -22.96
C GLY D 51 26.14 12.06 -22.34
N ALA D 52 25.64 12.08 -21.10
CA ALA D 52 25.19 13.35 -20.51
C ALA D 52 26.41 14.14 -20.15
N VAL D 53 26.31 15.47 -20.23
CA VAL D 53 27.18 16.30 -19.46
C VAL D 53 26.74 16.26 -17.97
N VAL D 54 27.63 15.87 -17.06
CA VAL D 54 27.26 15.66 -15.68
C VAL D 54 27.84 16.68 -14.69
N ILE D 55 26.95 17.33 -13.92
CA ILE D 55 27.35 18.14 -12.78
C ILE D 55 27.05 17.34 -11.55
N GLY D 56 28.07 16.94 -10.82
CA GLY D 56 27.88 16.27 -9.52
C GLY D 56 28.13 17.29 -8.41
N THR D 57 27.43 17.19 -7.29
CA THR D 57 27.58 18.14 -6.19
C THR D 57 27.85 17.50 -4.86
N ALA D 58 28.45 18.28 -3.98
CA ALA D 58 28.82 17.87 -2.64
C ALA D 58 28.66 19.12 -1.79
N THR D 59 28.60 18.94 -0.49
CA THR D 59 28.45 20.07 0.41
C THR D 59 29.82 20.73 0.77
N SER D 60 30.93 20.13 0.34
CA SER D 60 32.26 20.69 0.63
C SER D 60 33.05 20.88 -0.64
N ALA D 61 33.98 21.83 -0.60
CA ALA D 61 34.92 22.04 -1.70
C ALA D 61 35.76 20.80 -1.98
N SER D 62 36.16 20.05 -0.96
CA SER D 62 36.94 18.82 -1.25
C SER D 62 36.10 17.74 -1.95
N GLY D 63 34.84 17.58 -1.54
CA GLY D 63 33.92 16.71 -2.26
C GLY D 63 33.72 17.12 -3.72
N ALA D 64 33.53 18.42 -3.96
CA ALA D 64 33.41 18.94 -5.34
C ALA D 64 34.67 18.63 -6.19
N GLU D 65 35.84 18.84 -5.60
CA GLU D 65 37.11 18.54 -6.31
C GLU D 65 37.24 17.08 -6.64
N LYS D 66 36.94 16.24 -5.65
CA LYS D 66 36.95 14.79 -5.87
C LYS D 66 36.00 14.37 -7.04
N ILE D 67 34.83 14.98 -7.11
CA ILE D 67 33.87 14.73 -8.20
C ILE D 67 34.47 15.15 -9.51
N ALA D 68 35.06 16.36 -9.59
CA ALA D 68 35.69 16.82 -10.84
C ALA D 68 36.77 15.86 -11.30
N GLU D 69 37.59 15.39 -10.38
CA GLU D 69 38.65 14.46 -10.69
C GLU D 69 38.12 13.13 -11.17
N THR D 70 37.12 12.60 -10.47
CA THR D 70 36.45 11.35 -10.89
C THR D 70 35.88 11.49 -12.31
N LEU D 71 35.16 12.55 -12.58
CA LEU D 71 34.61 12.75 -13.92
C LEU D 71 35.71 12.80 -14.98
N LYS D 72 36.73 13.62 -14.75
CA LYS D 72 37.84 13.75 -15.67
C LYS D 72 38.50 12.38 -15.96
N ALA D 73 38.79 11.63 -14.91
CA ALA D 73 39.43 10.31 -15.01
C ALA D 73 38.64 9.29 -15.82
N ASN D 74 37.32 9.47 -15.91
CA ASN D 74 36.47 8.56 -16.66
C ASN D 74 36.03 9.15 -18.01
N GLY D 75 36.57 10.29 -18.37
CA GLY D 75 36.26 10.93 -19.64
C GLY D 75 34.84 11.47 -19.74
N VAL D 76 34.30 11.93 -18.60
CA VAL D 76 32.99 12.52 -18.59
C VAL D 76 33.15 14.01 -18.53
N GLU D 77 32.48 14.70 -19.44
CA GLU D 77 32.41 16.15 -19.40
C GLU D 77 31.44 16.58 -18.30
N GLY D 78 31.80 17.66 -17.62
CA GLY D 78 30.93 18.28 -16.63
C GLY D 78 31.71 19.04 -15.57
N ALA D 79 31.28 18.96 -14.31
CA ALA D 79 31.90 19.68 -13.21
C ALA D 79 31.50 19.09 -11.86
N GLY D 80 32.28 19.38 -10.83
CA GLY D 80 31.90 19.18 -9.43
C GLY D 80 31.64 20.55 -8.81
N LEU D 81 30.48 20.73 -8.18
CA LEU D 81 30.09 22.01 -7.56
C LEU D 81 29.72 21.80 -6.12
N VAL D 82 29.80 22.87 -5.33
CA VAL D 82 29.38 22.86 -3.95
C VAL D 82 27.94 23.30 -3.89
N LEU D 83 27.11 22.46 -3.26
CA LEU D 83 25.68 22.71 -3.18
C LEU D 83 25.17 22.27 -1.84
N ASP D 84 24.43 23.16 -1.20
CA ASP D 84 23.74 22.85 0.06
C ASP D 84 22.23 22.95 -0.28
N VAL D 85 21.59 21.78 -0.37
CA VAL D 85 20.18 21.69 -0.79
C VAL D 85 19.24 22.26 0.30
N SER D 86 19.73 22.46 1.51
CA SER D 86 18.95 23.09 2.58
C SER D 86 18.86 24.60 2.45
N SER D 87 19.61 25.17 1.51
CA SER D 87 19.70 26.62 1.39
C SER D 87 19.17 27.17 0.07
N ASP D 88 18.19 28.08 0.11
CA ASP D 88 17.65 28.68 -1.15
C ASP D 88 18.75 29.38 -1.93
N GLU D 89 19.65 30.03 -1.20
CA GLU D 89 20.73 30.82 -1.83
C GLU D 89 21.70 29.88 -2.54
N SER D 90 22.08 28.80 -1.88
CA SER D 90 23.00 27.85 -2.54
C SER D 90 22.31 27.25 -3.79
N VAL D 91 21.03 26.93 -3.69
CA VAL D 91 20.30 26.37 -4.82
C VAL D 91 20.23 27.36 -5.98
N ALA D 92 19.82 28.60 -5.72
CA ALA D 92 19.73 29.60 -6.84
C ALA D 92 21.12 29.87 -7.42
N ALA D 93 22.14 30.03 -6.58
CA ALA D 93 23.51 30.29 -7.07
C ALA D 93 24.01 29.14 -7.94
N THR D 94 23.80 27.91 -7.47
CA THR D 94 24.32 26.77 -8.18
C THR D 94 23.64 26.63 -9.56
N LEU D 95 22.33 26.81 -9.62
CA LEU D 95 21.63 26.74 -10.89
C LEU D 95 22.04 27.84 -11.86
N GLU D 96 22.25 29.04 -11.33
CA GLU D 96 22.65 30.17 -12.15
C GLU D 96 24.02 29.88 -12.80
N HIS D 97 24.95 29.42 -11.99
CA HIS D 97 26.27 29.00 -12.48
C HIS D 97 26.19 27.95 -13.57
N ILE D 98 25.36 26.93 -13.36
CA ILE D 98 25.23 25.87 -14.34
C ILE D 98 24.62 26.38 -15.63
N GLN D 99 23.61 27.26 -15.52
CA GLN D 99 22.98 27.84 -16.70
C GLN D 99 23.96 28.67 -17.51
N GLN D 100 24.80 29.41 -16.82
CA GLN D 100 25.79 30.25 -17.50
C GLN D 100 26.85 29.41 -18.23
N HIS D 101 27.39 28.39 -17.59
CA HIS D 101 28.58 27.73 -18.13
C HIS D 101 28.33 26.39 -18.79
N LEU D 102 27.18 25.78 -18.57
CA LEU D 102 26.89 24.48 -19.19
C LEU D 102 25.53 24.35 -19.84
N GLY D 103 24.50 25.01 -19.29
CA GLY D 103 23.11 24.94 -19.83
C GLY D 103 22.12 24.50 -18.72
N GLN D 104 20.82 24.46 -19.02
CA GLN D 104 19.78 24.07 -18.07
C GLN D 104 19.84 22.59 -17.80
N PRO D 105 20.00 22.16 -16.53
CA PRO D 105 19.86 20.74 -16.26
C PRO D 105 18.41 20.25 -16.49
N LEU D 106 18.23 19.36 -17.47
CA LEU D 106 16.95 18.74 -17.69
C LEU D 106 16.80 17.31 -17.06
N ILE D 107 17.90 16.77 -16.56
CA ILE D 107 17.89 15.58 -15.74
C ILE D 107 18.46 15.95 -14.36
N VAL D 108 17.67 15.71 -13.31
CA VAL D 108 18.11 16.06 -11.98
C VAL D 108 17.91 14.84 -11.13
N VAL D 109 19.00 14.39 -10.53
CA VAL D 109 18.96 13.22 -9.63
C VAL D 109 19.24 13.66 -8.19
N ASN D 110 18.28 13.47 -7.30
CA ASN D 110 18.40 13.89 -5.88
C ASN D 110 18.90 12.73 -5.08
N ASN D 111 20.15 12.79 -4.71
CA ASN D 111 20.73 11.74 -3.89
C ASN D 111 21.28 12.25 -2.56
N ALA D 112 21.42 13.55 -2.40
CA ALA D 112 21.87 14.12 -1.14
C ALA D 112 20.79 13.97 -0.05
N GLY D 113 21.16 13.45 1.12
CA GLY D 113 20.30 13.43 2.30
C GLY D 113 21.19 13.87 3.44
N ILE D 114 20.62 14.24 4.58
CA ILE D 114 21.44 14.62 5.75
C ILE D 114 22.27 13.49 6.37
N VAL D 121 25.60 7.54 20.33
CA VAL D 121 25.58 7.79 18.90
C VAL D 121 24.48 6.97 18.17
N ARG D 122 24.31 5.70 18.53
CA ARG D 122 23.52 4.75 17.70
C ARG D 122 22.04 5.20 17.40
N MET D 123 21.49 4.65 16.32
CA MET D 123 20.22 5.14 15.79
C MET D 123 19.00 4.68 16.63
N LYS D 124 18.12 5.62 16.90
CA LYS D 124 16.87 5.39 17.63
C LYS D 124 15.65 5.57 16.73
N ASP D 125 14.55 5.02 17.19
CA ASP D 125 13.33 5.13 16.43
C ASP D 125 12.59 6.48 16.61
N ASP D 126 13.21 7.49 17.23
CA ASP D 126 12.63 8.81 17.35
C ASP D 126 13.25 9.81 16.37
N GLU D 127 14.13 9.38 15.46
CA GLU D 127 14.82 10.32 14.55
C GLU D 127 14.07 10.51 13.24
N TRP D 128 13.04 9.69 13.04
CA TRP D 128 12.50 9.55 11.70
C TRP D 128 11.85 10.85 11.33
N PHE D 129 11.22 11.55 12.27
CA PHE D 129 10.40 12.72 11.84
C PHE D 129 11.27 13.80 11.26
N ASP D 130 12.30 14.19 12.01
CA ASP D 130 13.20 15.27 11.55
CA ASP D 130 13.23 15.26 11.59
C ASP D 130 13.98 14.88 10.31
N VAL D 131 14.40 13.62 10.22
CA VAL D 131 15.09 13.17 9.01
C VAL D 131 14.19 13.27 7.76
N VAL D 132 12.97 12.75 7.84
CA VAL D 132 12.12 12.78 6.68
C VAL D 132 11.75 14.22 6.33
N ASN D 133 11.43 15.00 7.34
CA ASN D 133 10.99 16.37 7.12
C ASN D 133 12.05 17.19 6.39
N THR D 134 13.29 17.06 6.86
CA THR D 134 14.43 17.74 6.24
C THR D 134 14.69 17.27 4.81
N ASN D 135 14.74 15.96 4.62
CA ASN D 135 14.92 15.43 3.29
C ASN D 135 13.87 15.86 2.28
N LEU D 136 12.60 15.82 2.65
CA LEU D 136 11.55 16.23 1.70
C LEU D 136 11.54 17.71 1.47
N ASN D 137 11.82 18.49 2.48
CA ASN D 137 11.96 19.94 2.29
C ASN D 137 13.06 20.30 1.30
N SER D 138 14.15 19.55 1.33
CA SER D 138 15.21 19.74 0.37
C SER D 138 14.89 19.23 -1.05
N LEU D 139 14.32 18.03 -1.18
CA LEU D 139 13.84 17.56 -2.46
C LEU D 139 12.92 18.65 -3.07
N TYR D 140 12.01 19.18 -2.28
CA TYR D 140 11.03 20.11 -2.80
C TYR D 140 11.74 21.35 -3.30
N ARG D 141 12.65 21.87 -2.48
CA ARG D 141 13.38 23.12 -2.83
C ARG D 141 14.14 22.97 -4.14
N LEU D 142 14.91 21.90 -4.27
CA LEU D 142 15.64 21.72 -5.49
C LEU D 142 14.69 21.48 -6.68
N SER D 143 13.71 20.59 -6.48
CA SER D 143 12.78 20.24 -7.55
C SER D 143 12.08 21.47 -8.12
N LYS D 144 11.55 22.32 -7.25
CA LYS D 144 10.89 23.54 -7.72
C LYS D 144 11.81 24.46 -8.46
N ALA D 145 13.06 24.57 -8.02
CA ALA D 145 14.02 25.40 -8.71
C ALA D 145 14.32 24.90 -10.13
N VAL D 146 14.49 23.58 -10.31
CA VAL D 146 14.87 23.07 -11.64
C VAL D 146 13.66 22.97 -12.56
N LEU D 147 12.46 22.98 -12.01
CA LEU D 147 11.23 22.87 -12.85
C LEU D 147 11.04 23.99 -13.87
N ARG D 148 11.52 25.17 -13.54
CA ARG D 148 11.33 26.29 -14.44
C ARG D 148 12.00 26.04 -15.78
N GLY D 149 13.25 25.60 -15.78
CA GLY D 149 13.96 25.20 -17.00
C GLY D 149 13.23 24.07 -17.71
N MET D 150 12.79 23.06 -16.96
CA MET D 150 12.21 21.88 -17.60
C MET D 150 10.87 22.29 -18.25
N THR D 151 10.15 23.16 -17.57
CA THR D 151 8.88 23.68 -18.11
C THR D 151 9.09 24.41 -19.42
N LYS D 152 10.16 25.21 -19.47
CA LYS D 152 10.53 25.91 -20.69
C LYS D 152 10.88 24.96 -21.79
N ALA D 153 11.72 23.97 -21.50
CA ALA D 153 12.07 22.96 -22.49
C ALA D 153 10.93 22.00 -22.84
N ARG D 154 9.83 22.02 -22.10
CA ARG D 154 8.77 21.00 -22.20
C ARG D 154 9.36 19.58 -22.17
N TRP D 155 10.31 19.36 -21.27
CA TRP D 155 10.87 18.02 -21.09
C TRP D 155 11.66 17.99 -19.77
N GLY D 156 11.56 16.90 -19.02
CA GLY D 156 12.45 16.73 -17.89
C GLY D 156 12.47 15.35 -17.28
N ARG D 157 13.53 15.10 -16.50
CA ARG D 157 13.59 13.93 -15.67
C ARG D 157 14.00 14.34 -14.26
N ILE D 158 13.12 14.08 -13.28
CA ILE D 158 13.51 14.17 -11.86
C ILE D 158 13.49 12.79 -11.29
N ILE D 159 14.62 12.38 -10.68
CA ILE D 159 14.76 11.05 -10.10
C ILE D 159 15.27 11.14 -8.66
N ASN D 160 14.49 10.66 -7.69
CA ASN D 160 14.81 10.79 -6.26
C ASN D 160 15.34 9.47 -5.75
N ILE D 161 16.47 9.50 -5.06
CA ILE D 161 17.04 8.25 -4.56
C ILE D 161 16.71 8.11 -3.09
N GLY D 162 16.13 6.99 -2.70
CA GLY D 162 15.83 6.74 -1.29
C GLY D 162 17.05 6.35 -0.49
N SER D 163 16.89 6.25 0.82
CA SER D 163 18.04 5.94 1.65
C SER D 163 18.09 4.45 1.85
N VAL D 164 19.29 3.97 1.97
CA VAL D 164 19.55 2.57 2.15
C VAL D 164 19.21 2.19 3.57
N VAL D 165 19.05 0.90 3.78
CA VAL D 165 18.74 0.44 5.10
C VAL D 165 19.96 0.81 5.99
N GLY D 166 19.74 1.70 6.98
CA GLY D 166 20.76 2.36 7.78
C GLY D 166 21.25 1.66 9.06
N ALA D 167 20.41 0.81 9.64
CA ALA D 167 20.79 0.00 10.82
C ALA D 167 19.95 -1.28 10.88
N MET D 168 20.43 -2.24 11.67
CA MET D 168 19.93 -3.62 11.63
C MET D 168 18.66 -3.93 12.44
N GLY D 169 18.39 -3.18 13.50
CA GLY D 169 17.25 -3.51 14.36
C GLY D 169 15.93 -2.82 14.02
N ASN D 170 15.12 -2.65 15.05
CA ASN D 170 13.83 -2.02 14.95
C ASN D 170 13.91 -0.54 14.58
N ALA D 171 14.87 0.19 15.16
CA ALA D 171 15.01 1.62 14.88
C ALA D 171 15.40 1.83 13.41
N GLY D 172 16.27 0.96 12.91
CA GLY D 172 16.67 1.02 11.52
C GLY D 172 15.54 0.76 10.57
N GLN D 173 14.69 -0.20 10.93
CA GLN D 173 13.48 -0.51 10.12
C GLN D 173 12.48 0.65 10.15
N THR D 174 12.24 1.18 11.33
CA THR D 174 11.32 2.33 11.48
C THR D 174 11.72 3.51 10.64
N ASN D 175 12.98 3.89 10.77
CA ASN D 175 13.52 5.05 10.02
C ASN D 175 13.51 4.81 8.49
N TYR D 176 13.97 3.64 8.07
CA TYR D 176 13.94 3.23 6.65
C TYR D 176 12.52 3.24 6.07
N ALA D 177 11.58 2.61 6.80
CA ALA D 177 10.20 2.53 6.33
C ALA D 177 9.57 3.94 6.25
N ALA D 178 9.88 4.80 7.22
CA ALA D 178 9.34 6.16 7.17
C ALA D 178 9.82 6.98 6.00
N ALA D 179 11.14 6.95 5.81
CA ALA D 179 11.76 7.67 4.72
C ALA D 179 11.28 7.12 3.38
N LYS D 180 11.15 5.81 3.27
CA LYS D 180 10.63 5.24 2.03
C LYS D 180 9.14 5.62 1.75
N ALA D 181 8.29 5.60 2.77
CA ALA D 181 6.90 6.02 2.59
C ALA D 181 6.80 7.50 2.21
N GLY D 182 7.56 8.35 2.87
CA GLY D 182 7.58 9.79 2.50
C GLY D 182 7.98 10.01 1.06
N LEU D 183 9.06 9.40 0.69
CA LEU D 183 9.62 9.52 -0.64
C LEU D 183 8.60 9.06 -1.71
N GLU D 184 7.93 7.93 -1.48
CA GLU D 184 6.93 7.47 -2.45
C GLU D 184 5.83 8.44 -2.62
N GLY D 185 5.27 8.92 -1.52
CA GLY D 185 4.09 9.77 -1.61
C GLY D 185 4.45 11.09 -2.19
N PHE D 186 5.59 11.59 -1.81
CA PHE D 186 6.08 12.85 -2.37
C PHE D 186 6.28 12.73 -3.90
N THR D 187 6.95 11.68 -4.30
CA THR D 187 7.24 11.42 -5.71
C THR D 187 5.97 11.33 -6.56
N ARG D 188 4.97 10.65 -6.03
CA ARG D 188 3.77 10.44 -6.79
C ARG D 188 3.04 11.75 -6.93
N ALA D 189 3.05 12.55 -5.87
CA ALA D 189 2.35 13.82 -5.90
C ALA D 189 3.01 14.77 -6.84
N LEU D 190 4.31 14.92 -6.75
CA LEU D 190 5.03 15.83 -7.65
C LEU D 190 4.85 15.43 -9.11
N ALA D 191 4.95 14.15 -9.40
CA ALA D 191 4.67 13.63 -10.73
C ALA D 191 3.32 14.04 -11.23
N ARG D 192 2.29 13.96 -10.39
CA ARG D 192 0.95 14.43 -10.82
C ARG D 192 0.95 15.92 -11.10
N GLU D 193 1.64 16.70 -10.27
CA GLU D 193 1.67 18.14 -10.45
C GLU D 193 2.31 18.59 -11.75
N VAL D 194 3.35 17.90 -12.24
CA VAL D 194 4.17 18.40 -13.34
C VAL D 194 4.03 17.58 -14.65
N GLY D 195 3.25 16.51 -14.61
CA GLY D 195 3.16 15.61 -15.76
C GLY D 195 2.69 16.23 -17.09
N SER D 196 1.77 17.19 -17.06
CA SER D 196 1.25 17.72 -18.30
C SER D 196 2.39 18.36 -19.09
N ARG D 197 3.47 18.71 -18.42
CA ARG D 197 4.62 19.30 -19.12
C ARG D 197 5.62 18.32 -19.69
N ALA D 198 5.29 17.03 -19.72
CA ALA D 198 6.23 15.99 -20.17
C ALA D 198 7.52 15.88 -19.33
N ILE D 199 7.35 16.15 -18.05
CA ILE D 199 8.41 15.96 -17.05
C ILE D 199 8.00 14.77 -16.24
N THR D 200 8.88 13.76 -16.16
CA THR D 200 8.66 12.64 -15.29
C THR D 200 9.38 12.80 -13.95
N VAL D 201 8.74 12.28 -12.89
CA VAL D 201 9.25 12.28 -11.53
C VAL D 201 9.12 10.88 -10.98
N ASN D 202 10.26 10.24 -10.73
CA ASN D 202 10.31 8.86 -10.21
C ASN D 202 11.31 8.74 -9.08
N ALA D 203 11.26 7.59 -8.40
CA ALA D 203 12.13 7.37 -7.28
C ALA D 203 12.72 6.00 -7.42
N VAL D 204 13.87 5.83 -6.82
CA VAL D 204 14.51 4.52 -6.74
C VAL D 204 14.76 4.25 -5.26
N ALA D 205 14.29 3.12 -4.76
CA ALA D 205 14.34 2.82 -3.34
C ALA D 205 15.27 1.66 -3.14
N PRO D 206 16.50 1.95 -2.72
CA PRO D 206 17.40 0.83 -2.51
C PRO D 206 17.11 0.09 -1.25
N GLY D 207 17.60 -1.12 -1.19
CA GLY D 207 17.48 -1.93 -0.02
C GLY D 207 18.82 -1.86 0.72
N PHE D 208 19.45 -3.02 0.90
CA PHE D 208 20.80 -3.13 1.43
C PHE D 208 21.80 -3.10 0.31
N ILE D 209 22.63 -2.07 0.32
CA ILE D 209 23.61 -1.86 -0.70
C ILE D 209 24.97 -1.96 -0.01
N ASP D 210 25.93 -2.46 -0.77
CA ASP D 210 27.27 -2.57 -0.28
C ASP D 210 27.85 -1.15 -0.22
N THR D 211 27.85 -0.56 0.98
CA THR D 211 28.48 0.74 1.20
C THR D 211 29.23 0.67 2.56
N ASP D 212 29.81 1.79 2.99
CA ASP D 212 30.59 1.87 4.24
C ASP D 212 29.88 1.30 5.48
N MET D 213 28.58 1.53 5.56
CA MET D 213 27.79 1.02 6.68
C MET D 213 27.90 -0.50 6.82
N THR D 214 27.69 -1.22 5.72
CA THR D 214 27.57 -2.70 5.75
C THR D 214 28.91 -3.35 5.94
N ARG D 215 29.91 -2.75 5.33
CA ARG D 215 31.27 -3.25 5.39
C ARG D 215 31.79 -3.44 6.81
N GLU D 216 31.20 -2.74 7.78
CA GLU D 216 31.76 -2.73 9.11
C GLU D 216 31.16 -3.73 10.10
N LEU D 217 30.02 -4.35 9.84
CA LEU D 217 29.29 -5.08 10.91
C LEU D 217 29.73 -6.55 11.20
N PRO D 218 29.44 -7.11 12.39
CA PRO D 218 29.88 -8.50 12.72
C PRO D 218 29.47 -9.59 11.74
N GLU D 219 30.29 -10.63 11.56
CA GLU D 219 30.01 -11.71 10.56
C GLU D 219 28.68 -12.46 10.77
N ALA D 220 28.32 -12.75 12.00
CA ALA D 220 27.04 -13.42 12.30
C ALA D 220 25.87 -12.51 11.97
N GLN D 221 26.03 -11.22 12.26
CA GLN D 221 25.04 -10.24 11.89
C GLN D 221 24.90 -10.03 10.38
N ARG D 222 25.98 -10.20 9.63
CA ARG D 222 25.96 -10.14 8.19
C ARG D 222 25.20 -11.27 7.58
N GLU D 223 25.48 -12.46 8.08
CA GLU D 223 24.82 -13.65 7.59
C GLU D 223 23.32 -13.52 7.73
N ALA D 224 22.89 -12.98 8.87
CA ALA D 224 21.46 -12.85 9.19
C ALA D 224 20.80 -11.80 8.30
N LEU D 225 21.56 -10.74 8.02
CA LEU D 225 21.13 -9.72 7.09
C LEU D 225 20.86 -10.30 5.70
N LEU D 226 21.85 -11.02 5.17
CA LEU D 226 21.71 -11.71 3.89
C LEU D 226 20.56 -12.70 3.88
N GLY D 227 20.24 -13.28 5.03
CA GLY D 227 19.10 -14.21 5.12
C GLY D 227 17.74 -13.56 4.93
N GLN D 228 17.63 -12.25 5.09
CA GLN D 228 16.37 -11.56 4.76
C GLN D 228 16.27 -11.13 3.28
N ILE D 229 17.31 -11.38 2.48
CA ILE D 229 17.33 -10.95 1.06
C ILE D 229 17.24 -12.18 0.17
N PRO D 230 16.11 -12.37 -0.51
CA PRO D 230 15.98 -13.53 -1.40
C PRO D 230 17.15 -13.76 -2.39
N LEU D 231 17.74 -12.72 -2.96
CA LEU D 231 18.91 -12.91 -3.89
C LEU D 231 20.22 -13.27 -3.14
N GLY D 232 20.26 -13.12 -1.83
CA GLY D 232 21.32 -13.70 -1.00
C GLY D 232 22.57 -12.89 -1.00
N ARG D 233 22.50 -11.64 -1.45
CA ARG D 233 23.66 -10.78 -1.55
C ARG D 233 23.24 -9.30 -1.41
N LEU D 234 24.22 -8.47 -1.10
CA LEU D 234 24.09 -7.02 -1.11
C LEU D 234 24.07 -6.50 -2.52
N GLY D 235 23.41 -5.38 -2.70
CA GLY D 235 23.33 -4.75 -4.00
C GLY D 235 24.56 -3.89 -4.18
N GLN D 236 24.90 -3.64 -5.44
CA GLN D 236 26.05 -2.81 -5.75
C GLN D 236 25.49 -1.44 -6.12
N ALA D 237 26.26 -0.41 -5.82
CA ALA D 237 25.92 0.95 -6.20
C ALA D 237 25.59 1.05 -7.69
N GLU D 238 26.33 0.28 -8.49
CA GLU D 238 26.18 0.27 -9.95
C GLU D 238 24.78 -0.22 -10.37
N GLU D 239 24.23 -1.14 -9.58
CA GLU D 239 22.90 -1.70 -9.87
C GLU D 239 21.80 -0.68 -9.61
N ILE D 240 22.03 0.23 -8.68
CA ILE D 240 21.17 1.37 -8.50
C ILE D 240 21.31 2.30 -9.68
N ALA D 241 22.56 2.60 -10.06
CA ALA D 241 22.82 3.57 -11.12
C ALA D 241 22.23 3.18 -12.46
N LYS D 242 22.27 1.87 -12.77
CA LYS D 242 21.70 1.39 -14.02
C LYS D 242 20.20 1.65 -14.12
N VAL D 243 19.50 1.55 -12.99
CA VAL D 243 18.06 1.84 -12.96
C VAL D 243 17.80 3.33 -13.18
N VAL D 244 18.60 4.15 -12.52
CA VAL D 244 18.52 5.59 -12.77
C VAL D 244 18.71 5.96 -14.24
N GLY D 245 19.71 5.36 -14.85
CA GLY D 245 20.01 5.61 -16.22
C GLY D 245 18.88 5.24 -17.16
N PHE D 246 18.22 4.11 -16.92
CA PHE D 246 17.01 3.77 -17.65
C PHE D 246 15.89 4.84 -17.48
N LEU D 247 15.61 5.23 -16.25
CA LEU D 247 14.55 6.22 -15.96
C LEU D 247 14.81 7.54 -16.66
N ALA D 248 16.07 7.90 -16.78
CA ALA D 248 16.46 9.15 -17.47
C ALA D 248 16.26 9.12 -18.99
N SER D 249 16.11 7.92 -19.57
CA SER D 249 16.09 7.73 -21.04
C SER D 249 14.69 7.97 -21.64
N ASP D 250 14.64 8.05 -22.94
CA ASP D 250 13.38 8.35 -23.62
C ASP D 250 12.46 7.17 -23.51
N GLY D 251 13.02 5.99 -23.34
CA GLY D 251 12.16 4.81 -23.24
C GLY D 251 11.32 4.73 -22.00
N ALA D 252 11.71 5.48 -20.96
CA ALA D 252 10.98 5.51 -19.71
C ALA D 252 10.01 6.71 -19.66
N ALA D 253 9.69 7.28 -20.81
CA ALA D 253 8.85 8.49 -20.84
C ALA D 253 7.41 8.33 -20.31
N TYR D 254 6.87 7.14 -20.29
CA TYR D 254 5.55 6.94 -19.77
C TYR D 254 5.56 6.38 -18.31
N VAL D 255 6.75 6.25 -17.72
CA VAL D 255 6.91 5.96 -16.30
C VAL D 255 7.00 7.26 -15.55
N THR D 256 6.00 7.54 -14.72
CA THR D 256 6.12 8.62 -13.87
C THR D 256 5.32 8.35 -12.61
N GLY D 257 5.78 8.94 -11.52
CA GLY D 257 5.13 8.77 -10.24
C GLY D 257 5.49 7.45 -9.58
N ALA D 258 6.46 6.75 -10.12
CA ALA D 258 6.77 5.40 -9.69
C ALA D 258 7.93 5.40 -8.74
N THR D 259 7.95 4.41 -7.84
CA THR D 259 9.12 4.10 -7.06
C THR D 259 9.55 2.66 -7.40
N VAL D 260 10.75 2.52 -7.91
CA VAL D 260 11.30 1.25 -8.35
C VAL D 260 12.14 0.76 -7.20
N PRO D 261 11.70 -0.30 -6.59
CA PRO D 261 12.51 -0.91 -5.56
C PRO D 261 13.66 -1.72 -6.12
N VAL D 262 14.85 -1.48 -5.57
CA VAL D 262 16.08 -2.15 -6.00
C VAL D 262 16.68 -2.79 -4.73
N ASN D 263 16.17 -3.94 -4.35
CA ASN D 263 16.41 -4.47 -3.04
C ASN D 263 16.61 -5.95 -2.95
N GLY D 264 16.76 -6.61 -4.06
CA GLY D 264 16.99 -8.08 -4.09
C GLY D 264 15.87 -8.92 -3.55
N GLY D 265 14.67 -8.33 -3.49
CA GLY D 265 13.49 -9.01 -3.02
C GLY D 265 13.20 -8.82 -1.53
N MET D 266 14.00 -7.99 -0.87
CA MET D 266 13.80 -7.66 0.56
C MET D 266 12.89 -6.49 0.70
N TYR D 267 11.63 -6.76 1.06
CA TYR D 267 10.58 -5.74 1.20
C TYR D 267 10.18 -5.57 2.69
N MET D 268 10.43 -4.37 3.20
CA MET D 268 10.15 -3.96 4.59
C MET D 268 9.41 -2.65 4.48
N SER D 269 8.25 -2.55 5.12
CA SER D 269 7.48 -1.28 5.26
C SER D 269 7.05 -0.98 6.71
N1 9KQ E . -5.04 -14.36 -5.87
N1 9KQ E . -5.19 -14.18 -5.85
C2 9KQ E . -5.10 -13.04 -5.56
C2 9KQ E . -4.25 -13.36 -5.36
N3 9KQ E . -4.04 -12.42 -4.99
N3 9KQ E . -4.50 -12.04 -5.17
C4 9KQ E . -2.89 -13.11 -4.72
C4 9KQ E . -5.71 -11.54 -5.50
C5 9KQ E . -2.81 -14.46 -5.01
C5 9KQ E . -6.69 -12.37 -6.00
C6 9KQ E . -3.92 -15.12 -5.62
C6 9KQ E . -6.39 -13.73 -6.16
CAA 9KQ E . -1.83 -12.45 -4.11
CAA 9KQ E . -5.98 -10.18 -5.32
CAB 9KQ E . -0.65 -13.11 -3.82
CAB 9KQ E . -7.23 -9.69 -5.67
CAC 9KQ E . -0.55 -14.45 -4.12
CAC 9KQ E . -8.21 -10.54 -6.16
CAD 9KQ E . -1.62 -15.09 -4.71
CAD 9KQ E . -7.93 -11.89 -6.33
CAK 9KQ E . -7.44 -12.95 -6.25
CAK 9KQ E . -2.11 -13.07 -4.32
CAL 9KQ E . -8.58 -12.19 -6.49
CAL 9KQ E . -0.86 -13.53 -3.98
CAM 9KQ E . -8.56 -10.84 -6.32
CAM 9KQ E . -0.47 -14.79 -4.38
CAN 9KQ E . -7.41 -10.21 -5.89
CAN 9KQ E . -1.33 -15.59 -5.11
CAO 9KQ E . -6.28 -10.96 -5.64
CAO 9KQ E . -2.60 -15.13 -5.44
CAP 9KQ E . -6.27 -12.33 -5.83
CAP 9KQ E . -2.98 -13.87 -5.05
CAQ 9KQ E . -3.17 -17.56 -5.83
CAQ 9KQ E . -7.08 -15.89 -6.72
NAQ 9KQ E . -3.93 -16.45 -5.96
NAQ 9KQ E . -7.26 -14.59 -6.64
CAR 9KQ E . -5.03 -16.95 -6.61
CAR 9KQ E . -8.46 -14.36 -7.16
NAS 9KQ E . -4.92 -18.26 -6.86
NAS 9KQ E . -8.96 -15.55 -7.55
NAT 9KQ E . -3.82 -18.61 -6.39
NAT 9KQ E . -8.16 -16.43 -7.29
N1 9KQ F . 5.83 13.38 4.88
C2 9KQ F . 5.26 12.59 4.00
N3 9KQ F . 5.21 11.28 4.22
C4 9KQ F . 5.69 10.72 5.36
C5 9KQ F . 6.27 11.50 6.28
C6 9KQ F . 6.33 12.86 6.03
CAA 9KQ F . 5.62 9.35 5.56
CAB 9KQ F . 6.10 8.77 6.68
CAC 9KQ F . 6.68 9.56 7.65
CAD 9KQ F . 6.76 10.90 7.44
CAK 9KQ F . 4.89 14.41 2.51
CAL 9KQ F . 4.37 14.84 1.27
CAM 9KQ F . 3.64 13.97 0.43
CAN 9KQ F . 3.43 12.64 0.80
CAO 9KQ F . 3.98 12.22 2.01
CAP 9KQ F . 4.73 13.07 2.83
CAQ 9KQ F . 7.48 13.52 8.16
NAQ 9KQ F . 6.91 13.69 6.92
CAR 9KQ F . 7.01 15.01 6.62
NAS 9KQ F . 7.63 15.65 7.62
NAT 9KQ F . 7.93 14.73 8.57
#